data_2OH2
#
_entry.id   2OH2
#
_cell.length_a   116.150
_cell.length_b   152.472
_cell.length_c   217.389
_cell.angle_alpha   90.00
_cell.angle_beta   90.00
_cell.angle_gamma   90.00
#
_symmetry.space_group_name_H-M   'C 2 2 21'
#
loop_
_entity.id
_entity.type
_entity.pdbx_description
1 polymer "5'-D(*GP*GP*G*GP*GP*AP*AP*GP*GP*AP*CP*CP*C)-3'"
2 polymer "5'-D(*TP*T*CP*CP*AP*GP*GP*GP*TP*CP*CP*TP*TP*CP*CP*CP*CP*C)-3'"
3 polymer 'DNA polymerase kappa'
4 non-polymer 'MAGNESIUM ION'
5 non-polymer "THYMIDINE-5'-TRIPHOSPHATE"
6 water water
#
loop_
_entity_poly.entity_id
_entity_poly.type
_entity_poly.pdbx_seq_one_letter_code
_entity_poly.pdbx_strand_id
1 'polydeoxyribonucleotide' (DG)(DG)(DG)(DG)(DG)(DA)(DA)(DG)(DG)(DA)(DC)(DC)(DC) S,P
2 'polydeoxyribonucleotide' (DT)(DT)(DC)(DC)(DA)(DG)(DG)(DG)(DT)(DC)(DC)(DT)(DT)(DC)(DC)(DC)(DC)(DC) Q,T
3 'polypeptide(L)'
;MGLNDNKAGMEGLDKEKINKIIMEATKGSRFYGNELKKEKQVNQRIENMMQQKAQITSQQLRKAQLQVDRFAMELEQSRN
LSNTIVHIDMDAFYAAVEMRDNPELKDKPIAVGSMSMLSTSNYHARRFGVRAAMPGFIAKRLCPQLIIVPPNFDKYRAVS
KEVKEILADYDPNFMAMSLDEAYLNITKHLEERQNWPEDKRRYFIKMGSSVENDNPGKEVNKLSEHERSISPLLFEESPS
DVQPPGDPFQVNFEEQNNPQILQNSVVFGTSAQEVVKEIRFRIEQKTTLTASAGIAPNTMLAKVCSDKNKPNGQYQILPN
RQAVMDFIKDLPIRKVSGIGKVTEKMLKALGIITCTELYQQRALLSLLFSETSWHYFLHISLGLGSTHLTRDGERKSMSV
ERTFSEINKAEEQYSLCQELCSELAQDLQKERLKGRTVTIKLKNVNFEVKTRASTVSSVVSTAEEIFAIAKELLKTEIDA
DFPHPLRLRLMGVRISSFPNEEDRKHQQ
;
A,B
#
loop_
_chem_comp.id
_chem_comp.type
_chem_comp.name
_chem_comp.formula
DA DNA linking 2'-DEOXYADENOSINE-5'-MONOPHOSPHATE 'C10 H14 N5 O6 P'
DC DNA linking 2'-DEOXYCYTIDINE-5'-MONOPHOSPHATE 'C9 H14 N3 O7 P'
DG DNA linking 2'-DEOXYGUANOSINE-5'-MONOPHOSPHATE 'C10 H14 N5 O7 P'
DT DNA linking THYMIDINE-5'-MONOPHOSPHATE 'C10 H15 N2 O8 P'
MG non-polymer 'MAGNESIUM ION' 'Mg 2'
TTP non-polymer THYMIDINE-5'-TRIPHOSPHATE 'C10 H17 N2 O14 P3'
#
# COMPACT_ATOMS: atom_id res chain seq x y z
N LYS E 15 5.04 28.18 0.07
CA LYS E 15 6.47 28.52 -0.17
C LYS E 15 7.31 28.26 1.07
N GLU E 16 8.48 27.65 0.87
CA GLU E 16 9.39 27.36 1.97
C GLU E 16 10.12 28.64 2.42
N LYS E 17 9.63 29.79 1.97
CA LYS E 17 10.21 31.07 2.38
C LYS E 17 9.72 31.22 3.82
N ILE E 18 8.75 30.37 4.15
CA ILE E 18 8.14 30.32 5.47
C ILE E 18 9.07 29.52 6.35
N ASN E 19 9.29 28.26 5.97
CA ASN E 19 10.16 27.39 6.74
C ASN E 19 11.56 28.00 6.90
N LYS E 20 11.78 29.16 6.27
CA LYS E 20 13.07 29.86 6.35
C LYS E 20 12.98 30.98 7.37
N ILE E 21 11.97 31.83 7.21
CA ILE E 21 11.74 32.94 8.11
C ILE E 21 11.64 32.41 9.54
N ILE E 22 11.08 31.22 9.69
CA ILE E 22 10.92 30.58 11.00
C ILE E 22 12.29 30.13 11.51
N MET E 23 12.91 29.19 10.79
CA MET E 23 14.22 28.68 11.17
C MET E 23 15.20 29.82 11.38
N GLU E 24 15.04 30.88 10.61
CA GLU E 24 15.92 32.02 10.75
C GLU E 24 15.67 32.72 12.08
N ALA E 25 14.41 33.04 12.37
CA ALA E 25 14.06 33.75 13.61
C ALA E 25 14.13 32.85 14.84
N THR E 26 14.79 31.70 14.71
CA THR E 26 14.91 30.77 15.80
C THR E 26 16.38 30.39 16.08
N LYS E 27 17.19 30.44 15.02
CA LYS E 27 18.62 30.11 15.04
C LYS E 27 19.37 30.13 16.37
N GLY E 28 19.66 31.32 16.89
CA GLY E 28 20.40 31.42 18.13
C GLY E 28 19.64 31.35 19.44
N SER E 29 18.32 31.43 19.37
CA SER E 29 17.47 31.38 20.56
C SER E 29 17.80 30.23 21.49
N ARG E 30 17.75 30.50 22.79
CA ARG E 30 18.01 29.46 23.78
C ARG E 30 16.96 28.36 23.55
N PHE E 31 15.90 28.67 22.81
CA PHE E 31 14.86 27.69 22.53
C PHE E 31 15.42 26.63 21.60
N TYR E 32 15.84 27.05 20.41
CA TYR E 32 16.42 26.11 19.44
C TYR E 32 17.48 25.32 20.18
N GLY E 33 18.06 25.98 21.17
CA GLY E 33 19.08 25.34 21.98
C GLY E 33 18.53 24.09 22.61
N ASN E 34 17.55 24.23 23.49
CA ASN E 34 17.00 23.05 24.13
C ASN E 34 16.33 22.15 23.09
N GLU E 35 15.81 22.74 22.03
CA GLU E 35 15.18 21.90 21.01
C GLU E 35 16.18 20.93 20.40
N LEU E 36 17.44 21.34 20.29
CA LEU E 36 18.48 20.50 19.74
C LEU E 36 18.78 19.39 20.73
N LYS E 37 18.96 19.76 21.99
CA LYS E 37 19.25 18.79 23.01
C LYS E 37 18.13 17.74 23.04
N LYS E 38 16.89 18.21 22.88
CA LYS E 38 15.74 17.32 22.88
C LYS E 38 15.91 16.27 21.80
N GLU E 39 16.08 16.72 20.57
CA GLU E 39 16.25 15.84 19.42
C GLU E 39 17.42 14.88 19.56
N LYS E 40 18.53 15.33 20.15
CA LYS E 40 19.69 14.48 20.32
C LYS E 40 19.32 13.30 21.20
N GLN E 41 18.43 13.54 22.16
CA GLN E 41 17.99 12.49 23.07
C GLN E 41 17.00 11.52 22.43
N VAL E 42 16.39 11.91 21.33
CA VAL E 42 15.43 11.02 20.65
C VAL E 42 16.20 10.03 19.81
N ASN E 43 17.20 10.54 19.10
CA ASN E 43 18.04 9.70 18.26
C ASN E 43 18.71 8.64 19.13
N GLN E 44 18.85 8.94 20.41
CA GLN E 44 19.46 7.99 21.31
C GLN E 44 18.43 6.89 21.60
N ARG E 45 17.18 7.29 21.82
CA ARG E 45 16.10 6.36 22.09
C ARG E 45 15.96 5.45 20.88
N ILE E 46 16.16 6.04 19.70
CA ILE E 46 16.11 5.31 18.44
C ILE E 46 17.31 4.39 18.36
N GLU E 47 18.49 4.93 18.73
CA GLU E 47 19.72 4.16 18.73
C GLU E 47 19.50 2.93 19.60
N ASN E 48 18.96 3.15 20.81
CA ASN E 48 18.69 2.06 21.73
C ASN E 48 17.65 1.11 21.16
N MET E 49 17.11 1.45 19.99
CA MET E 49 16.09 0.61 19.35
C MET E 49 16.72 -0.25 18.27
N MET E 50 17.30 0.40 17.26
CA MET E 50 17.95 -0.33 16.18
C MET E 50 18.91 -1.33 16.79
N GLN E 51 19.63 -0.90 17.82
CA GLN E 51 20.58 -1.77 18.49
C GLN E 51 19.80 -2.90 19.16
N GLN E 52 18.67 -2.56 19.76
CA GLN E 52 17.83 -3.55 20.42
C GLN E 52 17.27 -4.52 19.38
N LYS E 53 16.95 -3.99 18.22
CA LYS E 53 16.40 -4.76 17.12
C LYS E 53 17.40 -5.82 16.68
N ALA E 54 18.54 -5.37 16.17
CA ALA E 54 19.61 -6.25 15.70
C ALA E 54 19.79 -7.51 16.54
N GLN E 55 19.54 -7.40 17.84
CA GLN E 55 19.67 -8.54 18.74
C GLN E 55 18.42 -9.42 18.77
N ILE E 56 17.78 -9.57 17.60
CA ILE E 56 16.58 -10.40 17.48
C ILE E 56 16.79 -11.43 16.39
N THR E 57 16.43 -12.67 16.69
CA THR E 57 16.60 -13.76 15.74
C THR E 57 15.30 -14.17 15.07
N SER E 58 15.44 -14.73 13.87
CA SER E 58 14.30 -15.17 13.07
C SER E 58 13.33 -16.03 13.86
N GLN E 59 13.86 -16.84 14.77
CA GLN E 59 13.02 -17.70 15.59
C GLN E 59 12.07 -16.81 16.39
N GLN E 60 12.63 -15.99 17.27
CA GLN E 60 11.86 -15.08 18.10
C GLN E 60 10.82 -14.39 17.20
N LEU E 61 11.31 -13.82 16.11
CA LEU E 61 10.49 -13.11 15.15
C LEU E 61 9.30 -13.90 14.64
N ARG E 62 9.57 -15.09 14.11
CA ARG E 62 8.48 -15.91 13.60
C ARG E 62 7.54 -16.25 14.73
N LYS E 63 8.09 -16.71 15.85
CA LYS E 63 7.24 -17.08 16.99
C LYS E 63 6.32 -15.90 17.31
N ALA E 64 6.78 -14.70 16.98
CA ALA E 64 6.01 -13.49 17.23
C ALA E 64 4.91 -13.36 16.19
N GLN E 65 5.25 -13.48 14.92
CA GLN E 65 4.27 -13.40 13.84
C GLN E 65 3.09 -14.28 14.22
N LEU E 66 3.37 -15.41 14.89
CA LEU E 66 2.30 -16.32 15.28
C LEU E 66 1.41 -15.66 16.32
N GLN E 67 2.02 -15.02 17.29
CA GLN E 67 1.28 -14.34 18.35
C GLN E 67 0.34 -13.32 17.71
N VAL E 68 0.95 -12.24 17.23
CA VAL E 68 0.24 -11.14 16.60
C VAL E 68 -0.83 -11.57 15.61
N ASP E 69 -0.49 -12.47 14.69
CA ASP E 69 -1.44 -12.94 13.68
C ASP E 69 -2.71 -13.51 14.30
N ARG E 70 -2.56 -14.17 15.44
CA ARG E 70 -3.70 -14.76 16.13
C ARG E 70 -4.52 -13.64 16.74
N PHE E 71 -3.86 -12.84 17.58
CA PHE E 71 -4.50 -11.70 18.23
C PHE E 71 -5.29 -10.92 17.20
N ALA E 72 -4.60 -10.54 16.13
CA ALA E 72 -5.20 -9.79 15.04
C ALA E 72 -6.41 -10.55 14.56
N MET E 73 -6.28 -11.87 14.49
CA MET E 73 -7.36 -12.72 14.02
C MET E 73 -8.57 -12.50 14.93
N GLU E 74 -8.33 -12.40 16.23
CA GLU E 74 -9.40 -12.16 17.18
C GLU E 74 -9.94 -10.75 16.92
N LEU E 75 -9.08 -9.76 17.10
CA LEU E 75 -9.44 -8.37 16.88
C LEU E 75 -10.38 -8.31 15.69
N GLU E 76 -9.98 -9.02 14.64
CA GLU E 76 -10.74 -9.04 13.40
C GLU E 76 -12.13 -9.67 13.50
N GLN E 77 -12.29 -10.65 14.38
CA GLN E 77 -13.59 -11.30 14.52
C GLN E 77 -14.59 -10.41 15.23
N SER E 78 -14.07 -9.46 16.00
CA SER E 78 -14.89 -8.52 16.75
C SER E 78 -14.88 -7.11 16.18
N ARG E 79 -14.57 -6.97 14.89
CA ARG E 79 -14.56 -5.65 14.26
C ARG E 79 -16.01 -5.28 14.14
N ASN E 80 -16.40 -4.33 14.98
CA ASN E 80 -17.76 -3.83 15.04
C ASN E 80 -17.97 -2.72 14.01
N LEU E 81 -18.89 -2.92 13.09
CA LEU E 81 -19.16 -1.87 12.10
C LEU E 81 -20.61 -1.44 12.13
N SER E 82 -21.27 -1.63 13.28
CA SER E 82 -22.69 -1.27 13.41
C SER E 82 -22.95 0.19 13.77
N ASN E 83 -22.01 0.81 14.47
CA ASN E 83 -22.15 2.19 14.88
C ASN E 83 -21.69 3.20 13.84
N THR E 84 -22.38 4.33 13.82
CA THR E 84 -22.06 5.41 12.92
C THR E 84 -21.56 6.53 13.81
N ILE E 85 -20.26 6.50 14.10
CA ILE E 85 -19.63 7.53 14.92
C ILE E 85 -19.40 8.78 14.09
N VAL E 86 -19.49 9.95 14.73
CA VAL E 86 -19.30 11.22 14.04
C VAL E 86 -18.39 12.10 14.87
N HIS E 87 -17.34 12.61 14.25
CA HIS E 87 -16.47 13.50 14.99
C HIS E 87 -16.63 14.87 14.40
N ILE E 88 -17.02 15.81 15.24
CA ILE E 88 -17.22 17.18 14.81
C ILE E 88 -16.11 18.09 15.30
N ASP E 89 -15.60 18.94 14.40
CA ASP E 89 -14.52 19.85 14.75
C ASP E 89 -14.74 21.29 14.22
N MET E 90 -14.95 22.23 15.14
CA MET E 90 -15.13 23.63 14.77
C MET E 90 -13.94 24.11 13.94
N ASP E 91 -14.15 25.02 13.00
CA ASP E 91 -13.05 25.50 12.16
C ASP E 91 -12.40 26.78 12.69
N ALA E 92 -11.11 26.69 13.03
CA ALA E 92 -10.40 27.85 13.54
C ALA E 92 -11.17 28.42 14.72
N PHE E 93 -11.69 27.55 15.55
CA PHE E 93 -12.51 27.96 16.68
C PHE E 93 -12.27 29.30 17.35
N TYR E 94 -11.18 29.44 18.11
CA TYR E 94 -10.98 30.71 18.78
C TYR E 94 -11.02 31.87 17.81
N ALA E 95 -10.26 31.75 16.73
CA ALA E 95 -10.22 32.83 15.73
C ALA E 95 -11.62 33.10 15.25
N ALA E 96 -12.25 32.06 14.72
CA ALA E 96 -13.61 32.15 14.21
C ALA E 96 -14.51 32.86 15.21
N VAL E 97 -14.47 32.44 16.47
CA VAL E 97 -15.31 33.10 17.49
C VAL E 97 -14.99 34.57 17.65
N GLU E 98 -13.71 34.90 17.74
CA GLU E 98 -13.31 36.29 17.93
C GLU E 98 -13.72 37.11 16.72
N MET E 99 -13.77 36.48 15.56
CA MET E 99 -14.16 37.20 14.36
C MET E 99 -15.66 37.52 14.41
N ARG E 100 -16.43 36.56 14.89
CA ARG E 100 -17.86 36.71 14.98
C ARG E 100 -18.24 37.81 15.96
N ASP E 101 -17.50 37.93 17.05
CA ASP E 101 -17.84 38.96 18.02
C ASP E 101 -17.36 40.34 17.63
N ASN E 102 -16.55 40.45 16.59
CA ASN E 102 -16.01 41.75 16.23
C ASN E 102 -15.80 42.00 14.74
N PRO E 103 -16.82 42.58 14.07
CA PRO E 103 -16.79 42.89 12.63
C PRO E 103 -15.48 43.47 12.15
N GLU E 104 -14.83 44.27 12.99
CA GLU E 104 -13.56 44.88 12.63
C GLU E 104 -12.63 43.89 11.94
N LEU E 105 -12.48 42.72 12.52
CA LEU E 105 -11.62 41.69 11.97
C LEU E 105 -12.20 41.05 10.71
N LYS E 106 -13.39 41.47 10.33
CA LYS E 106 -14.08 40.89 9.17
C LYS E 106 -13.21 40.28 8.07
N ASP E 107 -12.57 41.11 7.26
CA ASP E 107 -11.77 40.57 6.18
C ASP E 107 -10.25 40.59 6.41
N LYS E 108 -9.85 40.70 7.67
CA LYS E 108 -8.42 40.73 7.99
C LYS E 108 -7.91 39.38 8.49
N PRO E 109 -6.58 39.16 8.45
CA PRO E 109 -6.02 37.90 8.93
C PRO E 109 -5.78 38.04 10.41
N ILE E 110 -6.23 37.08 11.19
CA ILE E 110 -6.04 37.16 12.63
C ILE E 110 -5.53 35.87 13.24
N ALA E 111 -5.31 35.92 14.54
CA ALA E 111 -4.84 34.78 15.28
C ALA E 111 -5.14 35.14 16.72
N VAL E 112 -5.21 34.13 17.57
CA VAL E 112 -5.53 34.37 18.96
C VAL E 112 -4.37 33.94 19.82
N GLY E 113 -3.76 34.90 20.49
CA GLY E 113 -2.66 34.56 21.34
C GLY E 113 -1.97 35.79 21.87
N SER E 114 -0.65 35.74 21.82
CA SER E 114 0.20 36.81 22.31
C SER E 114 1.35 36.83 21.38
N MET E 115 2.28 37.74 21.63
CA MET E 115 3.44 37.87 20.80
C MET E 115 4.30 36.62 20.95
N SER E 116 4.17 35.94 22.07
CA SER E 116 4.97 34.76 22.29
C SER E 116 4.26 33.49 21.99
N MET E 117 2.97 33.54 21.67
CA MET E 117 2.25 32.29 21.37
C MET E 117 0.84 32.46 20.89
N LEU E 118 0.57 31.78 19.77
CA LEU E 118 -0.74 31.79 19.11
C LEU E 118 -1.44 30.49 19.37
N SER E 119 -2.71 30.56 19.75
CA SER E 119 -3.49 29.36 19.98
C SER E 119 -4.08 28.91 18.63
N THR E 120 -4.28 29.86 17.71
CA THR E 120 -4.77 29.61 16.36
C THR E 120 -4.71 30.86 15.51
N SER E 121 -4.94 30.64 14.22
CA SER E 121 -4.97 31.71 13.26
C SER E 121 -6.15 31.38 12.36
N ASN E 122 -7.00 32.37 12.07
CA ASN E 122 -8.12 32.10 11.18
C ASN E 122 -7.49 31.61 9.89
N TYR E 123 -8.31 31.17 8.95
CA TYR E 123 -7.77 30.62 7.71
C TYR E 123 -7.04 31.55 6.74
N HIS E 124 -7.39 32.81 6.76
CA HIS E 124 -6.75 33.77 5.87
C HIS E 124 -5.28 33.88 6.31
N ALA E 125 -5.08 33.92 7.63
CA ALA E 125 -3.75 34.03 8.21
C ALA E 125 -2.95 32.79 7.89
N ARG E 126 -3.66 31.69 7.69
CA ARG E 126 -3.02 30.43 7.39
C ARG E 126 -2.37 30.44 6.04
N ARG E 127 -2.96 31.13 5.09
CA ARG E 127 -2.40 31.17 3.76
C ARG E 127 -0.98 31.74 3.87
N PHE E 128 -0.74 32.60 4.87
CA PHE E 128 0.60 33.19 5.08
C PHE E 128 1.55 32.30 5.86
N GLY E 129 1.15 31.08 6.14
CA GLY E 129 2.03 30.21 6.88
C GLY E 129 1.81 30.25 8.39
N VAL E 130 1.05 31.23 8.86
CA VAL E 130 0.78 31.32 10.30
C VAL E 130 -0.03 30.12 10.73
N ARG E 131 0.26 29.58 11.90
CA ARG E 131 -0.44 28.39 12.35
C ARG E 131 -0.54 28.34 13.88
N ALA E 132 -1.39 27.47 14.40
CA ALA E 132 -1.54 27.34 15.85
C ALA E 132 -0.20 26.92 16.46
N ALA E 133 0.05 27.29 17.70
CA ALA E 133 1.29 26.93 18.38
C ALA E 133 2.55 27.53 17.78
N MET E 134 2.39 28.53 16.93
CA MET E 134 3.55 29.19 16.33
C MET E 134 3.74 30.44 17.17
N PRO E 135 4.99 30.83 17.44
CA PRO E 135 5.18 32.04 18.25
C PRO E 135 4.62 33.27 17.53
N GLY E 136 4.03 34.18 18.29
CA GLY E 136 3.45 35.37 17.71
C GLY E 136 4.41 36.19 16.87
N PHE E 137 5.55 36.56 17.45
CA PHE E 137 6.53 37.39 16.76
C PHE E 137 6.96 36.81 15.43
N ILE E 138 6.90 35.49 15.30
CA ILE E 138 7.26 34.85 14.03
C ILE E 138 6.08 35.01 13.08
N ALA E 139 4.87 34.80 13.60
CA ALA E 139 3.67 34.90 12.79
C ALA E 139 3.61 36.29 12.20
N LYS E 140 4.09 37.27 12.97
CA LYS E 140 4.10 38.66 12.50
C LYS E 140 5.17 38.83 11.42
N ARG E 141 6.11 37.89 11.39
CA ARG E 141 7.20 37.92 10.41
C ARG E 141 6.67 37.46 9.06
N LEU E 142 5.77 36.49 9.10
CA LEU E 142 5.17 35.94 7.89
C LEU E 142 3.96 36.75 7.47
N CYS E 143 3.35 37.47 8.41
CA CYS E 143 2.16 38.25 8.11
C CYS E 143 2.11 39.51 8.96
N PRO E 144 2.84 40.53 8.54
CA PRO E 144 2.89 41.81 9.26
C PRO E 144 1.51 42.40 9.55
N GLN E 145 0.56 42.14 8.65
CA GLN E 145 -0.79 42.66 8.80
C GLN E 145 -1.66 41.87 9.79
N LEU E 146 -1.06 40.84 10.39
CA LEU E 146 -1.73 39.97 11.36
C LEU E 146 -2.19 40.67 12.62
N ILE E 147 -3.48 40.59 12.90
CA ILE E 147 -4.03 41.18 14.12
C ILE E 147 -4.00 40.03 15.10
N ILE E 148 -3.45 40.26 16.28
CA ILE E 148 -3.39 39.20 17.27
C ILE E 148 -4.31 39.51 18.44
N VAL E 149 -5.36 38.72 18.57
CA VAL E 149 -6.34 38.89 19.62
C VAL E 149 -6.06 38.01 20.82
N PRO E 150 -6.13 38.58 22.04
CA PRO E 150 -5.89 37.82 23.26
C PRO E 150 -7.01 36.83 23.52
N PRO E 151 -6.69 35.66 24.09
CA PRO E 151 -7.78 34.70 24.32
C PRO E 151 -8.81 35.20 25.31
N ASN E 152 -9.99 34.60 25.25
CA ASN E 152 -11.11 34.93 26.12
C ASN E 152 -11.89 33.62 26.25
N PHE E 153 -11.35 32.69 27.01
CA PHE E 153 -11.95 31.37 27.18
C PHE E 153 -13.42 31.32 27.51
N ASP E 154 -13.87 32.17 28.43
CA ASP E 154 -15.27 32.17 28.83
C ASP E 154 -16.14 32.44 27.63
N LYS E 155 -15.63 33.27 26.72
CA LYS E 155 -16.34 33.60 25.52
C LYS E 155 -16.41 32.33 24.67
N TYR E 156 -15.42 31.46 24.83
CA TYR E 156 -15.35 30.22 24.05
C TYR E 156 -16.23 29.16 24.65
N ARG E 157 -16.10 28.93 25.96
CA ARG E 157 -16.91 27.94 26.62
C ARG E 157 -18.34 28.26 26.23
N ALA E 158 -18.67 29.54 26.22
CA ALA E 158 -20.01 29.96 25.84
C ALA E 158 -20.40 29.37 24.49
N VAL E 159 -19.74 29.80 23.42
CA VAL E 159 -20.05 29.29 22.09
C VAL E 159 -20.08 27.77 22.09
N SER E 160 -19.24 27.17 22.93
CA SER E 160 -19.18 25.72 23.00
C SER E 160 -20.45 25.13 23.61
N LYS E 161 -21.02 25.79 24.61
CA LYS E 161 -22.26 25.31 25.21
C LYS E 161 -23.35 25.49 24.15
N GLU E 162 -23.37 26.67 23.52
CA GLU E 162 -24.35 26.97 22.49
C GLU E 162 -24.41 25.82 21.47
N VAL E 163 -23.27 25.31 21.06
CA VAL E 163 -23.21 24.22 20.08
C VAL E 163 -23.51 22.86 20.69
N LYS E 164 -23.02 22.61 21.90
CA LYS E 164 -23.31 21.33 22.53
C LYS E 164 -24.84 21.17 22.57
N GLU E 165 -25.56 22.29 22.58
CA GLU E 165 -27.02 22.25 22.60
C GLU E 165 -27.56 21.63 21.31
N ILE E 166 -27.06 22.09 20.17
CA ILE E 166 -27.48 21.56 18.89
C ILE E 166 -27.14 20.08 18.82
N LEU E 167 -26.07 19.67 19.46
CA LEU E 167 -25.65 18.27 19.40
C LEU E 167 -26.42 17.28 20.26
N ALA E 168 -26.94 17.74 21.39
CA ALA E 168 -27.68 16.86 22.28
C ALA E 168 -28.81 16.17 21.53
N ASP E 169 -29.37 16.88 20.57
CA ASP E 169 -30.45 16.35 19.77
C ASP E 169 -30.12 15.01 19.14
N TYR E 170 -28.95 14.90 18.49
CA TYR E 170 -28.57 13.66 17.82
C TYR E 170 -27.90 12.59 18.67
N ASP E 171 -27.49 12.94 19.88
CA ASP E 171 -26.88 11.97 20.78
C ASP E 171 -26.69 12.59 22.14
N PRO E 172 -27.75 12.59 22.96
CA PRO E 172 -27.75 13.15 24.30
C PRO E 172 -26.61 12.63 25.17
N ASN E 173 -25.88 11.65 24.66
CA ASN E 173 -24.76 11.13 25.41
C ASN E 173 -23.50 11.22 24.55
N PHE E 174 -23.28 12.40 23.96
CA PHE E 174 -22.18 12.59 23.04
C PHE E 174 -20.70 12.58 23.44
N MET E 175 -20.32 13.17 24.56
CA MET E 175 -18.87 13.18 24.91
C MET E 175 -18.04 14.25 24.18
N ALA E 176 -17.79 15.36 24.88
CA ALA E 176 -17.01 16.46 24.34
C ALA E 176 -15.55 16.23 24.66
N MET E 177 -14.71 16.31 23.64
CA MET E 177 -13.29 16.11 23.83
C MET E 177 -12.62 17.39 24.31
N SER E 178 -12.99 18.50 23.68
CA SER E 178 -12.46 19.79 24.02
C SER E 178 -13.53 20.76 23.56
N LEU E 179 -13.40 22.03 23.90
CA LEU E 179 -14.41 23.00 23.53
C LEU E 179 -14.89 22.96 22.08
N ASP E 180 -14.03 22.63 21.13
CA ASP E 180 -14.46 22.64 19.75
C ASP E 180 -14.64 21.29 19.09
N GLU E 181 -14.49 20.20 19.85
CA GLU E 181 -14.64 18.87 19.27
C GLU E 181 -15.59 18.00 20.08
N ALA E 182 -16.10 16.95 19.45
CA ALA E 182 -17.00 16.00 20.07
C ALA E 182 -17.24 14.76 19.22
N TYR E 183 -17.58 13.66 19.86
CA TYR E 183 -17.89 12.42 19.17
C TYR E 183 -19.39 12.22 19.32
N LEU E 184 -20.01 11.55 18.37
CA LEU E 184 -21.43 11.30 18.43
C LEU E 184 -21.71 9.91 17.89
N ASN E 185 -22.60 9.18 18.56
CA ASN E 185 -22.95 7.87 18.06
C ASN E 185 -24.35 8.00 17.52
N ILE E 186 -24.46 8.69 16.39
CA ILE E 186 -25.75 8.91 15.78
C ILE E 186 -26.43 7.66 15.22
N THR E 187 -25.93 6.48 15.59
CA THR E 187 -26.51 5.24 15.09
C THR E 187 -28.01 5.12 15.43
N LYS E 188 -28.37 5.45 16.68
CA LYS E 188 -29.76 5.37 17.10
C LYS E 188 -30.57 6.43 16.36
N HIS E 189 -30.09 7.67 16.32
CA HIS E 189 -30.81 8.74 15.61
C HIS E 189 -31.09 8.33 14.18
N LEU E 190 -30.09 7.81 13.50
CA LEU E 190 -30.26 7.40 12.12
C LEU E 190 -31.40 6.41 11.99
N GLU E 191 -31.58 5.55 12.99
CA GLU E 191 -32.66 4.57 12.97
C GLU E 191 -34.01 5.26 12.94
N GLU E 192 -34.31 6.05 13.96
CA GLU E 192 -35.57 6.75 14.02
C GLU E 192 -35.74 7.70 12.85
N ARG E 193 -34.63 8.28 12.38
CA ARG E 193 -34.68 9.25 11.29
C ARG E 193 -35.10 8.70 9.94
N GLN E 194 -34.94 7.40 9.73
CA GLN E 194 -35.32 6.77 8.48
C GLN E 194 -36.82 6.94 8.27
N ASN E 195 -37.54 7.13 9.36
CA ASN E 195 -38.98 7.29 9.33
C ASN E 195 -39.38 8.68 9.82
N TRP E 196 -38.82 9.72 9.21
CA TRP E 196 -39.14 11.09 9.61
C TRP E 196 -39.69 11.90 8.45
N PRO E 197 -40.91 12.45 8.62
CA PRO E 197 -41.57 13.26 7.61
C PRO E 197 -40.63 14.37 7.17
N GLU E 198 -40.66 14.71 5.88
CA GLU E 198 -39.79 15.74 5.34
C GLU E 198 -39.85 17.07 6.11
N ASP E 199 -41.00 17.40 6.68
CA ASP E 199 -41.15 18.65 7.42
C ASP E 199 -40.45 18.60 8.78
N LYS E 200 -40.04 17.40 9.20
CA LYS E 200 -39.37 17.21 10.48
C LYS E 200 -37.85 17.38 10.29
N ARG E 201 -37.45 17.56 9.03
CA ARG E 201 -36.05 17.72 8.63
C ARG E 201 -35.94 18.90 7.68
N ARG E 202 -36.89 19.84 7.77
CA ARG E 202 -36.87 21.02 6.92
C ARG E 202 -36.58 22.20 7.82
N TYR E 203 -35.58 23.00 7.44
CA TYR E 203 -35.23 24.17 8.24
C TYR E 203 -35.34 25.41 7.41
N PHE E 204 -35.58 26.53 8.09
CA PHE E 204 -35.70 27.82 7.44
C PHE E 204 -34.38 28.57 7.61
N ILE E 205 -33.83 29.02 6.50
CA ILE E 205 -32.56 29.74 6.48
C ILE E 205 -32.67 31.12 7.15
N LYS E 206 -31.57 31.57 7.74
CA LYS E 206 -31.51 32.87 8.42
C LYS E 206 -30.05 33.29 8.59
N ASN E 264 -38.82 29.77 1.56
CA ASN E 264 -38.06 28.84 0.75
C ASN E 264 -36.72 28.52 1.41
N SER E 265 -36.55 27.26 1.81
CA SER E 265 -35.32 26.83 2.47
C SER E 265 -34.87 25.41 2.15
N VAL E 266 -34.33 24.71 3.15
CA VAL E 266 -33.83 23.35 2.95
C VAL E 266 -34.36 22.23 3.84
N VAL E 267 -34.32 21.03 3.29
CA VAL E 267 -34.75 19.81 3.98
C VAL E 267 -33.64 18.78 3.81
N PHE E 268 -33.32 18.08 4.88
CA PHE E 268 -32.25 17.07 4.84
C PHE E 268 -32.74 15.63 4.72
N GLY E 269 -31.93 14.81 4.07
CA GLY E 269 -32.26 13.41 3.88
C GLY E 269 -32.15 12.55 5.13
N THR E 270 -32.03 11.25 4.91
CA THR E 270 -31.97 10.28 5.99
C THR E 270 -30.57 9.70 6.23
N SER E 271 -29.70 9.83 5.24
CA SER E 271 -28.34 9.28 5.35
C SER E 271 -27.53 9.92 6.46
N ALA E 272 -26.54 9.17 6.95
CA ALA E 272 -25.66 9.71 7.99
C ALA E 272 -24.97 10.88 7.34
N GLN E 273 -24.84 10.81 6.03
CA GLN E 273 -24.23 11.87 5.26
C GLN E 273 -25.10 13.12 5.48
N GLU E 274 -26.40 12.96 5.31
CA GLU E 274 -27.35 14.07 5.45
C GLU E 274 -27.59 14.58 6.87
N VAL E 275 -27.65 13.69 7.86
CA VAL E 275 -27.87 14.16 9.23
C VAL E 275 -26.71 15.03 9.67
N VAL E 276 -25.49 14.65 9.27
CA VAL E 276 -24.32 15.44 9.62
C VAL E 276 -24.36 16.77 8.84
N LYS E 277 -24.81 16.68 7.61
CA LYS E 277 -24.96 17.84 6.74
C LYS E 277 -25.93 18.79 7.44
N GLU E 278 -26.94 18.24 8.12
CA GLU E 278 -27.90 19.04 8.85
C GLU E 278 -27.23 19.62 10.10
N ILE E 279 -26.59 18.74 10.89
CA ILE E 279 -25.89 19.15 12.12
C ILE E 279 -24.96 20.31 11.87
N ARG E 280 -24.23 20.25 10.78
CA ARG E 280 -23.35 21.35 10.49
C ARG E 280 -24.23 22.55 10.17
N PHE E 281 -25.17 22.40 9.23
CA PHE E 281 -26.06 23.51 8.87
C PHE E 281 -26.60 24.21 10.10
N ARG E 282 -27.16 23.45 11.02
CA ARG E 282 -27.70 24.05 12.23
C ARG E 282 -26.65 24.87 12.94
N ILE E 283 -25.50 24.26 13.25
CA ILE E 283 -24.39 24.93 13.93
C ILE E 283 -24.04 26.28 13.29
N GLU E 284 -23.94 26.33 11.97
CA GLU E 284 -23.62 27.61 11.35
C GLU E 284 -24.76 28.59 11.62
N GLN E 285 -25.96 28.24 11.15
CA GLN E 285 -27.17 29.07 11.31
C GLN E 285 -27.33 29.63 12.72
N LYS E 286 -26.86 28.89 13.72
CA LYS E 286 -27.00 29.31 15.10
C LYS E 286 -25.88 30.18 15.67
N THR E 287 -24.64 29.81 15.43
CA THR E 287 -23.53 30.57 15.99
C THR E 287 -22.71 31.33 14.96
N THR E 288 -22.99 31.07 13.69
CA THR E 288 -22.32 31.74 12.58
C THR E 288 -21.01 31.06 12.21
N LEU E 289 -20.59 30.13 13.03
CA LEU E 289 -19.33 29.46 12.78
C LEU E 289 -19.58 28.16 12.02
N THR E 290 -18.66 27.81 11.13
CA THR E 290 -18.79 26.58 10.38
C THR E 290 -17.97 25.52 11.12
N ALA E 291 -18.27 24.26 10.85
CA ALA E 291 -17.56 23.17 11.50
C ALA E 291 -17.32 22.06 10.49
N SER E 292 -16.52 21.07 10.86
CA SER E 292 -16.28 19.99 9.94
C SER E 292 -16.56 18.72 10.66
N ALA E 293 -16.83 17.69 9.90
CA ALA E 293 -17.13 16.44 10.55
C ALA E 293 -16.62 15.27 9.78
N GLY E 294 -16.35 14.22 10.53
CA GLY E 294 -15.90 12.97 9.94
C GLY E 294 -16.97 11.97 10.33
N ILE E 295 -17.35 11.12 9.38
CA ILE E 295 -18.36 10.12 9.66
C ILE E 295 -17.71 8.76 9.47
N ALA E 296 -17.68 7.95 10.51
CA ALA E 296 -17.05 6.65 10.35
C ALA E 296 -17.51 5.56 11.32
N PRO E 297 -17.13 4.31 11.05
CA PRO E 297 -17.49 3.16 11.87
C PRO E 297 -17.02 3.24 13.32
N ASN E 298 -16.01 4.07 13.57
CA ASN E 298 -15.49 4.18 14.92
C ASN E 298 -14.71 5.45 15.18
N THR E 299 -14.48 5.71 16.46
CA THR E 299 -13.76 6.89 16.93
C THR E 299 -12.52 7.28 16.15
N MET E 300 -11.54 6.38 16.11
CA MET E 300 -10.28 6.66 15.43
C MET E 300 -10.49 7.15 14.00
N LEU E 301 -11.22 6.39 13.21
CA LEU E 301 -11.42 6.80 11.83
C LEU E 301 -12.14 8.14 11.71
N ALA E 302 -13.14 8.38 12.56
CA ALA E 302 -13.89 9.61 12.45
C ALA E 302 -13.05 10.84 12.63
N LYS E 303 -12.23 10.89 13.68
CA LYS E 303 -11.40 12.07 13.91
C LYS E 303 -10.42 12.32 12.76
N VAL E 304 -9.99 11.25 12.08
CA VAL E 304 -9.09 11.41 10.95
C VAL E 304 -9.89 11.99 9.78
N CYS E 305 -11.16 11.59 9.65
CA CYS E 305 -12.01 12.10 8.57
C CYS E 305 -12.41 13.54 8.76
N SER E 306 -12.68 13.93 10.01
CA SER E 306 -13.12 15.29 10.29
C SER E 306 -12.11 16.30 9.78
N ASP E 307 -10.91 15.85 9.42
CA ASP E 307 -9.86 16.74 8.90
C ASP E 307 -9.65 16.61 7.41
N LYS E 308 -10.15 15.52 6.83
CA LYS E 308 -9.97 15.31 5.42
C LYS E 308 -10.42 16.55 4.63
N ASN E 309 -11.59 17.10 4.93
CA ASN E 309 -12.09 18.30 4.22
C ASN E 309 -12.21 19.51 5.15
N LYS E 310 -11.58 19.37 6.31
CA LYS E 310 -11.56 20.34 7.40
C LYS E 310 -12.17 21.73 7.30
N PRO E 311 -11.95 22.44 6.19
CA PRO E 311 -12.64 23.73 6.38
C PRO E 311 -14.06 23.70 5.81
N ASN E 312 -15.02 23.59 6.73
CA ASN E 312 -16.43 23.55 6.39
C ASN E 312 -16.80 22.43 5.44
N GLY E 313 -16.29 21.23 5.72
CA GLY E 313 -16.60 20.09 4.88
C GLY E 313 -16.77 18.87 5.75
N GLN E 314 -17.04 17.72 5.15
CA GLN E 314 -17.21 16.50 5.92
C GLN E 314 -16.83 15.37 5.02
N TYR E 315 -16.50 14.24 5.62
CA TYR E 315 -16.07 13.08 4.86
C TYR E 315 -16.49 11.81 5.59
N GLN E 316 -17.05 10.88 4.84
CA GLN E 316 -17.50 9.65 5.43
C GLN E 316 -16.72 8.44 4.91
N ILE E 317 -16.77 7.38 5.69
CA ILE E 317 -16.14 6.11 5.36
C ILE E 317 -17.26 5.12 5.63
N LEU E 318 -17.82 4.56 4.57
CA LEU E 318 -18.92 3.61 4.70
C LEU E 318 -18.67 2.46 5.66
N PRO E 319 -19.75 1.88 6.20
CA PRO E 319 -19.69 0.77 7.14
C PRO E 319 -19.13 -0.58 6.72
N ASN E 320 -18.42 -0.69 5.60
CA ASN E 320 -17.88 -2.01 5.27
C ASN E 320 -16.37 -2.07 5.51
N ARG E 321 -15.85 -3.28 5.69
CA ARG E 321 -14.44 -3.46 5.97
C ARG E 321 -13.52 -3.02 4.84
N GLN E 322 -13.95 -3.17 3.60
CA GLN E 322 -13.08 -2.74 2.52
C GLN E 322 -12.93 -1.23 2.57
N ALA E 323 -14.04 -0.53 2.84
CA ALA E 323 -14.02 0.92 2.93
C ALA E 323 -12.98 1.34 3.97
N VAL E 324 -13.00 0.69 5.12
CA VAL E 324 -12.02 1.02 6.14
C VAL E 324 -10.65 0.78 5.54
N MET E 325 -10.44 -0.43 5.05
CA MET E 325 -9.18 -0.79 4.43
C MET E 325 -8.70 0.21 3.36
N ASP E 326 -9.52 0.52 2.38
CA ASP E 326 -9.12 1.45 1.33
C ASP E 326 -8.71 2.83 1.86
N PHE E 327 -9.15 3.18 3.06
CA PHE E 327 -8.84 4.47 3.64
C PHE E 327 -7.54 4.34 4.42
N ILE E 328 -7.51 3.36 5.31
CA ILE E 328 -6.34 3.12 6.10
C ILE E 328 -5.10 2.84 5.23
N LYS E 329 -5.28 2.27 4.04
CA LYS E 329 -4.14 2.02 3.17
C LYS E 329 -3.59 3.37 2.71
N ASP E 330 -2.27 3.51 2.71
CA ASP E 330 -1.64 4.77 2.29
C ASP E 330 -1.86 5.99 3.20
N LEU E 331 -2.48 5.78 4.36
CA LEU E 331 -2.77 6.85 5.32
C LEU E 331 -1.60 7.14 6.24
N PRO E 332 -0.99 8.33 6.11
CA PRO E 332 0.15 8.70 6.95
C PRO E 332 -0.11 8.41 8.40
N ILE E 333 0.72 7.54 8.95
CA ILE E 333 0.64 7.13 10.32
C ILE E 333 0.47 8.34 11.26
N ARG E 334 1.09 9.47 10.92
CA ARG E 334 1.02 10.68 11.75
C ARG E 334 -0.36 11.35 11.81
N LYS E 335 -1.25 11.02 10.88
CA LYS E 335 -2.59 11.61 10.88
C LYS E 335 -3.45 10.96 11.95
N VAL E 336 -2.95 9.88 12.53
CA VAL E 336 -3.70 9.16 13.57
C VAL E 336 -3.51 9.83 14.92
N SER E 337 -4.58 9.88 15.70
CA SER E 337 -4.54 10.55 16.99
C SER E 337 -3.87 9.80 18.10
N GLY E 338 -2.62 10.18 18.38
CA GLY E 338 -1.84 9.56 19.43
C GLY E 338 -0.40 9.44 18.98
N ILE E 339 -0.22 9.34 17.67
CA ILE E 339 1.09 9.23 17.06
C ILE E 339 1.67 10.63 17.02
N GLY E 340 2.63 10.95 17.89
CA GLY E 340 3.19 12.30 17.89
C GLY E 340 4.30 12.54 16.87
N LYS E 341 5.11 13.59 17.08
CA LYS E 341 6.20 13.88 16.15
C LYS E 341 7.32 12.93 16.50
N VAL E 342 7.33 12.50 17.75
CA VAL E 342 8.35 11.58 18.25
C VAL E 342 8.16 10.15 17.77
N THR E 343 7.01 9.53 18.05
CA THR E 343 6.83 8.14 17.63
C THR E 343 6.76 8.07 16.10
N GLU E 344 6.50 9.20 15.47
CA GLU E 344 6.46 9.19 14.02
C GLU E 344 7.89 8.93 13.54
N LYS E 345 8.85 9.57 14.20
CA LYS E 345 10.26 9.45 13.86
C LYS E 345 10.81 8.06 14.19
N MET E 346 10.30 7.47 15.27
CA MET E 346 10.76 6.15 15.63
C MET E 346 10.23 5.15 14.63
N LEU E 347 8.95 5.23 14.30
CA LEU E 347 8.41 4.31 13.32
C LEU E 347 9.04 4.57 11.93
N LYS E 348 9.35 5.82 11.61
CA LYS E 348 9.94 6.11 10.31
C LYS E 348 11.31 5.47 10.24
N ALA E 349 11.92 5.27 11.40
CA ALA E 349 13.23 4.63 11.45
C ALA E 349 13.07 3.20 10.96
N LEU E 350 12.08 2.50 11.49
CA LEU E 350 11.82 1.13 11.08
C LEU E 350 11.37 1.03 9.62
N GLY E 351 11.13 2.17 8.98
CA GLY E 351 10.69 2.18 7.60
C GLY E 351 9.20 2.30 7.41
N ILE E 352 8.52 2.67 8.50
CA ILE E 352 7.08 2.82 8.52
C ILE E 352 6.61 4.26 8.31
N ILE E 353 5.75 4.46 7.32
CA ILE E 353 5.24 5.79 7.06
C ILE E 353 3.74 5.75 7.02
N THR E 354 3.18 4.71 6.41
CA THR E 354 1.72 4.59 6.30
C THR E 354 1.18 3.48 7.18
N CYS E 355 -0.13 3.28 7.15
CA CYS E 355 -0.73 2.24 7.97
C CYS E 355 -0.51 0.84 7.43
N THR E 356 -0.33 0.73 6.12
CA THR E 356 -0.10 -0.57 5.53
C THR E 356 1.28 -1.04 5.94
N GLU E 357 2.25 -0.12 5.91
CA GLU E 357 3.63 -0.43 6.31
C GLU E 357 3.60 -0.83 7.79
N LEU E 358 2.88 -0.06 8.59
CA LEU E 358 2.76 -0.35 10.01
C LEU E 358 2.22 -1.75 10.25
N TYR E 359 1.21 -2.17 9.48
CA TYR E 359 0.65 -3.51 9.67
C TYR E 359 1.67 -4.60 9.37
N GLN E 360 2.33 -4.47 8.23
CA GLN E 360 3.33 -5.43 7.81
C GLN E 360 4.34 -5.70 8.92
N GLN E 361 4.66 -4.67 9.71
CA GLN E 361 5.63 -4.82 10.78
C GLN E 361 5.04 -5.26 12.14
N ARG E 362 3.79 -5.73 12.14
CA ARG E 362 3.18 -6.15 13.39
C ARG E 362 4.02 -7.15 14.17
N ALA E 363 5.02 -7.74 13.51
CA ALA E 363 5.89 -8.71 14.16
C ALA E 363 6.99 -8.02 14.94
N LEU E 364 7.81 -7.24 14.24
CA LEU E 364 8.90 -6.52 14.86
C LEU E 364 8.41 -5.68 16.02
N LEU E 365 7.26 -5.05 15.83
CA LEU E 365 6.69 -4.17 16.85
C LEU E 365 6.38 -4.83 18.18
N SER E 366 5.96 -6.09 18.17
CA SER E 366 5.64 -6.75 19.43
C SER E 366 6.90 -6.99 20.26
N LEU E 367 8.05 -6.98 19.60
CA LEU E 367 9.33 -7.20 20.25
C LEU E 367 10.04 -5.90 20.67
N LEU E 368 9.65 -4.79 20.07
CA LEU E 368 10.30 -3.52 20.38
C LEU E 368 9.51 -2.53 21.23
N PHE E 369 8.20 -2.73 21.37
CA PHE E 369 7.39 -1.78 22.13
C PHE E 369 6.51 -2.38 23.23
N SER E 370 6.09 -1.52 24.16
CA SER E 370 5.25 -1.95 25.28
C SER E 370 3.98 -2.66 24.81
N GLU E 371 3.55 -3.68 25.56
CA GLU E 371 2.34 -4.40 25.18
C GLU E 371 1.25 -3.39 24.82
N THR E 372 1.25 -2.27 25.54
CA THR E 372 0.25 -1.21 25.34
C THR E 372 0.44 -0.48 24.03
N SER E 373 1.69 -0.26 23.64
CA SER E 373 1.96 0.43 22.40
C SER E 373 1.60 -0.40 21.16
N TRP E 374 2.24 -1.55 20.98
CA TRP E 374 1.95 -2.35 19.79
C TRP E 374 0.49 -2.79 19.76
N HIS E 375 -0.16 -2.79 20.91
CA HIS E 375 -1.58 -3.13 20.94
C HIS E 375 -2.29 -1.99 20.22
N TYR E 376 -1.87 -0.77 20.56
CA TYR E 376 -2.36 0.45 19.97
C TYR E 376 -2.04 0.37 18.47
N PHE E 377 -0.75 0.23 18.14
CA PHE E 377 -0.32 0.13 16.76
C PHE E 377 -1.13 -0.86 15.94
N LEU E 378 -1.53 -1.97 16.54
CA LEU E 378 -2.28 -2.98 15.81
C LEU E 378 -3.66 -2.51 15.42
N HIS E 379 -4.34 -1.85 16.34
CA HIS E 379 -5.69 -1.35 16.02
C HIS E 379 -5.64 -0.36 14.87
N ILE E 380 -4.70 0.57 14.94
CA ILE E 380 -4.60 1.57 13.91
C ILE E 380 -4.36 0.92 12.57
N SER E 381 -3.42 -0.02 12.50
CA SER E 381 -3.09 -0.71 11.25
C SER E 381 -4.31 -1.44 10.67
N LEU E 382 -5.22 -1.86 11.55
CA LEU E 382 -6.43 -2.56 11.15
C LEU E 382 -7.68 -1.67 11.09
N GLY E 383 -7.52 -0.38 11.33
CA GLY E 383 -8.65 0.54 11.29
C GLY E 383 -9.66 0.33 12.41
N LEU E 384 -9.19 -0.16 13.54
CA LEU E 384 -10.05 -0.40 14.69
C LEU E 384 -10.05 0.79 15.64
N GLY E 385 -11.00 0.84 16.55
CA GLY E 385 -11.09 1.95 17.48
C GLY E 385 -12.40 1.96 18.22
N SER E 386 -12.51 2.79 19.26
CA SER E 386 -13.72 2.88 20.06
C SER E 386 -14.97 2.90 19.20
N THR E 387 -16.04 2.31 19.69
CA THR E 387 -17.29 2.29 18.96
C THR E 387 -18.39 2.63 19.94
N HIS E 388 -18.00 2.71 21.20
CA HIS E 388 -18.88 3.02 22.31
C HIS E 388 -18.29 4.25 22.97
N LEU E 389 -19.06 5.34 23.02
CA LEU E 389 -18.58 6.56 23.65
C LEU E 389 -18.77 6.47 25.16
N THR E 390 -17.68 6.28 25.90
CA THR E 390 -17.73 6.17 27.35
C THR E 390 -18.35 7.41 28.03
N ARG E 391 -18.70 7.26 29.31
CA ARG E 391 -19.29 8.36 30.06
C ARG E 391 -18.24 9.41 30.38
N ASP E 392 -18.67 10.66 30.53
CA ASP E 392 -17.77 11.76 30.84
C ASP E 392 -16.99 11.48 32.12
N GLY E 393 -15.72 11.11 31.97
CA GLY E 393 -14.88 10.80 33.10
C GLY E 393 -14.79 11.92 34.12
N GLU E 394 -13.81 11.81 35.02
CA GLU E 394 -13.61 12.81 36.07
C GLU E 394 -12.29 13.55 35.94
N ARG E 395 -12.22 14.68 36.62
CA ARG E 395 -11.03 15.51 36.61
C ARG E 395 -9.91 14.86 37.44
N LYS E 396 -8.79 14.54 36.79
CA LYS E 396 -7.68 13.93 37.49
C LYS E 396 -6.71 14.95 38.08
N SER E 397 -6.84 16.22 37.67
CA SER E 397 -5.98 17.29 38.18
C SER E 397 -6.38 18.70 37.73
N MET E 398 -5.75 19.70 38.33
CA MET E 398 -6.00 21.10 38.02
C MET E 398 -4.74 21.89 38.34
N SER E 399 -4.28 22.67 37.36
CA SER E 399 -3.07 23.45 37.59
C SER E 399 -3.19 24.88 37.11
N VAL E 400 -2.09 25.60 37.32
CA VAL E 400 -1.95 26.99 36.92
C VAL E 400 -0.46 27.18 36.71
N GLU E 401 -0.07 27.80 35.62
CA GLU E 401 1.34 28.02 35.38
C GLU E 401 1.51 29.25 34.54
N ARG E 402 2.58 30.00 34.80
CA ARG E 402 2.82 31.21 34.03
C ARG E 402 4.23 31.29 33.52
N THR E 403 4.38 31.91 32.36
CA THR E 403 5.70 32.12 31.80
C THR E 403 5.94 33.59 32.04
N PHE E 404 7.20 34.02 32.01
CA PHE E 404 7.49 35.41 32.26
C PHE E 404 8.92 35.76 31.97
N SER E 405 9.16 37.06 31.86
CA SER E 405 10.49 37.54 31.62
C SER E 405 11.24 37.05 32.85
N GLU E 406 12.43 36.51 32.65
CA GLU E 406 13.22 35.94 33.75
C GLU E 406 13.06 36.54 35.14
N ILE E 407 12.88 35.65 36.12
CA ILE E 407 12.77 36.01 37.52
C ILE E 407 13.83 35.18 38.23
N ASN E 408 14.90 35.80 38.71
CA ASN E 408 15.95 35.05 39.36
C ASN E 408 16.12 35.38 40.84
N LYS E 409 15.30 36.31 41.34
CA LYS E 409 15.37 36.71 42.74
C LYS E 409 14.47 35.86 43.63
N ALA E 410 15.07 35.14 44.56
CA ALA E 410 14.34 34.26 45.48
C ALA E 410 13.10 34.84 46.16
N GLU E 411 13.23 36.03 46.76
CA GLU E 411 12.10 36.65 47.44
C GLU E 411 10.90 36.70 46.50
N GLU E 412 11.17 37.12 45.27
CA GLU E 412 10.17 37.25 44.22
C GLU E 412 9.54 35.90 43.81
N GLN E 413 10.38 34.87 43.66
CA GLN E 413 9.90 33.54 43.28
C GLN E 413 8.94 33.00 44.30
N TYR E 414 9.17 33.31 45.57
CA TYR E 414 8.27 32.84 46.61
C TYR E 414 6.95 33.59 46.49
N SER E 415 7.01 34.78 45.89
CA SER E 415 5.82 35.59 45.73
C SER E 415 5.02 35.10 44.52
N LEU E 416 5.70 34.96 43.39
CA LEU E 416 5.04 34.50 42.17
C LEU E 416 4.34 33.19 42.47
N CYS E 417 4.87 32.44 43.43
CA CYS E 417 4.32 31.17 43.83
C CYS E 417 3.06 31.35 44.68
N GLN E 418 3.15 32.22 45.68
CA GLN E 418 2.01 32.49 46.54
C GLN E 418 0.81 32.77 45.64
N GLU E 419 1.05 33.55 44.58
CA GLU E 419 0.01 33.88 43.61
C GLU E 419 -0.57 32.64 42.95
N LEU E 420 0.30 31.87 42.29
CA LEU E 420 -0.14 30.67 41.62
C LEU E 420 -0.98 29.83 42.56
N CYS E 421 -0.47 29.58 43.76
CA CYS E 421 -1.21 28.80 44.74
C CYS E 421 -2.56 29.42 45.05
N SER E 422 -2.58 30.74 45.18
CA SER E 422 -3.82 31.42 45.48
C SER E 422 -4.81 31.24 44.36
N GLU E 423 -4.33 31.37 43.12
CA GLU E 423 -5.20 31.20 41.96
C GLU E 423 -5.71 29.76 41.96
N LEU E 424 -4.77 28.83 41.93
CA LEU E 424 -5.10 27.42 41.93
C LEU E 424 -6.18 27.16 42.97
N ALA E 425 -6.06 27.81 44.11
CA ALA E 425 -7.02 27.65 45.19
C ALA E 425 -8.45 28.06 44.80
N GLN E 426 -8.59 29.18 44.09
CA GLN E 426 -9.91 29.64 43.71
C GLN E 426 -10.56 28.83 42.59
N ASP E 427 -9.79 28.45 41.57
CA ASP E 427 -10.35 27.66 40.46
C ASP E 427 -10.74 26.31 41.01
N LEU E 428 -10.14 25.99 42.15
CA LEU E 428 -10.36 24.74 42.85
C LEU E 428 -11.65 24.83 43.66
N GLN E 429 -11.96 26.02 44.15
CA GLN E 429 -13.17 26.25 44.93
C GLN E 429 -14.42 26.22 44.04
N LYS E 430 -14.26 26.66 42.79
CA LYS E 430 -15.37 26.67 41.84
C LYS E 430 -15.93 25.27 41.65
N GLU E 431 -15.07 24.26 41.77
CA GLU E 431 -15.51 22.88 41.62
C GLU E 431 -15.51 22.21 43.00
N ARG E 432 -15.23 23.03 44.03
CA ARG E 432 -15.18 22.57 45.41
C ARG E 432 -14.46 21.24 45.50
N LEU E 433 -13.26 21.19 44.91
CA LEU E 433 -12.45 19.98 44.88
C LEU E 433 -11.32 20.05 45.90
N LYS E 434 -10.93 18.88 46.41
CA LYS E 434 -9.85 18.80 47.38
C LYS E 434 -8.99 17.57 47.09
N GLY E 435 -7.75 17.81 46.70
CA GLY E 435 -6.83 16.73 46.39
C GLY E 435 -5.76 16.61 47.46
N ARG E 436 -4.92 15.59 47.35
CA ARG E 436 -3.87 15.40 48.35
C ARG E 436 -2.43 15.39 47.83
N THR E 437 -2.21 15.78 46.58
CA THR E 437 -0.85 15.79 46.04
C THR E 437 -0.55 17.05 45.25
N VAL E 438 0.44 17.79 45.71
CA VAL E 438 0.84 19.04 45.06
C VAL E 438 2.20 18.94 44.38
N THR E 439 2.25 19.36 43.12
CA THR E 439 3.48 19.32 42.37
C THR E 439 3.85 20.70 41.91
N ILE E 440 5.08 21.11 42.20
CA ILE E 440 5.56 22.40 41.73
C ILE E 440 6.17 22.07 40.36
N LYS E 441 6.39 23.07 39.52
CA LYS E 441 6.97 22.86 38.19
C LYS E 441 7.84 24.05 37.86
N LEU E 442 9.11 23.81 37.51
CA LEU E 442 10.01 24.92 37.23
C LEU E 442 10.67 24.81 35.87
N LYS E 443 10.84 25.94 35.20
CA LYS E 443 11.45 25.91 33.89
C LYS E 443 12.58 26.93 33.76
N ASN E 444 13.79 26.41 33.61
CA ASN E 444 15.02 27.19 33.44
C ASN E 444 14.86 28.24 32.38
N VAL E 445 15.86 29.08 32.25
CA VAL E 445 15.86 30.09 31.22
C VAL E 445 16.26 29.33 29.95
N ASN E 446 16.66 28.07 30.12
CA ASN E 446 17.04 27.25 28.98
C ASN E 446 15.98 26.19 28.71
N PHE E 447 14.76 26.46 29.14
CA PHE E 447 13.64 25.56 28.93
C PHE E 447 13.80 24.18 29.56
N GLU E 448 14.90 23.98 30.29
CA GLU E 448 15.11 22.71 30.97
C GLU E 448 13.98 22.65 31.99
N VAL E 449 13.40 21.49 32.26
CA VAL E 449 12.30 21.50 33.23
C VAL E 449 12.35 20.49 34.36
N LYS E 450 12.26 20.99 35.59
CA LYS E 450 12.26 20.14 36.77
C LYS E 450 10.80 20.03 37.16
N THR E 451 10.48 19.20 38.16
CA THR E 451 9.09 19.07 38.58
C THR E 451 9.02 18.13 39.77
N ARG E 452 8.88 18.73 40.94
CA ARG E 452 8.83 17.99 42.19
C ARG E 452 7.46 17.84 42.79
N ALA E 453 7.08 16.61 43.09
CA ALA E 453 5.76 16.38 43.68
C ALA E 453 5.87 16.35 45.20
N SER E 454 4.77 15.98 45.87
CA SER E 454 4.73 15.89 47.32
C SER E 454 3.29 15.61 47.70
N THR E 455 3.05 14.45 48.32
CA THR E 455 1.70 14.10 48.72
C THR E 455 1.57 13.98 50.23
N VAL E 456 0.60 14.72 50.78
CA VAL E 456 0.32 14.70 52.21
C VAL E 456 -0.78 13.65 52.40
N SER E 457 -1.44 13.68 53.55
CA SER E 457 -2.52 12.75 53.83
C SER E 457 -3.55 13.43 54.72
N SER E 458 -3.98 14.61 54.30
CA SER E 458 -4.97 15.38 55.03
C SER E 458 -5.99 15.96 54.06
N VAL E 459 -5.58 16.11 52.80
CA VAL E 459 -6.43 16.65 51.74
C VAL E 459 -6.46 18.20 51.76
N VAL E 460 -5.57 18.79 50.97
CA VAL E 460 -5.45 20.24 50.85
C VAL E 460 -6.73 20.90 50.33
N SER E 461 -6.68 22.21 50.13
CA SER E 461 -7.83 22.96 49.63
C SER E 461 -7.57 24.47 49.54
N THR E 462 -7.29 25.08 50.68
CA THR E 462 -7.04 26.52 50.79
C THR E 462 -5.78 26.99 50.08
N ALA E 463 -5.60 28.30 50.06
CA ALA E 463 -4.42 28.91 49.44
C ALA E 463 -3.19 28.70 50.31
N GLU E 464 -3.35 28.89 51.62
CA GLU E 464 -2.23 28.72 52.54
C GLU E 464 -1.84 27.25 52.58
N GLU E 465 -2.83 26.38 52.66
CA GLU E 465 -2.58 24.94 52.70
C GLU E 465 -1.68 24.51 51.53
N ILE E 466 -2.10 24.86 50.32
CA ILE E 466 -1.32 24.52 49.13
C ILE E 466 0.04 25.17 49.23
N PHE E 467 0.05 26.49 49.34
CA PHE E 467 1.30 27.23 49.41
C PHE E 467 2.22 26.72 50.50
N ALA E 468 1.70 25.84 51.34
CA ALA E 468 2.49 25.26 52.42
C ALA E 468 3.43 24.24 51.79
N ILE E 469 2.84 23.23 51.16
CA ILE E 469 3.62 22.18 50.52
C ILE E 469 4.51 22.82 49.47
N ALA E 470 3.89 23.63 48.63
CA ALA E 470 4.60 24.30 47.55
C ALA E 470 5.82 25.09 48.00
N LYS E 471 5.63 26.03 48.95
CA LYS E 471 6.73 26.85 49.44
C LYS E 471 7.95 26.00 49.73
N GLU E 472 7.74 24.89 50.45
CA GLU E 472 8.84 24.00 50.78
C GLU E 472 9.41 23.42 49.50
N LEU E 473 8.54 22.75 48.75
CA LEU E 473 8.93 22.14 47.49
C LEU E 473 9.87 23.05 46.72
N LEU E 474 9.56 24.34 46.70
CA LEU E 474 10.39 25.29 45.99
C LEU E 474 11.73 25.53 46.68
N LYS E 475 11.66 25.79 48.00
CA LYS E 475 12.85 26.03 48.78
C LYS E 475 13.92 24.99 48.48
N THR E 476 13.51 23.73 48.52
CA THR E 476 14.42 22.62 48.27
C THR E 476 15.21 22.70 46.98
N GLU E 477 14.60 23.25 45.93
CA GLU E 477 15.26 23.35 44.64
C GLU E 477 16.16 24.57 44.54
N ILE E 478 15.88 25.57 45.36
CA ILE E 478 16.70 26.77 45.38
C ILE E 478 18.01 26.38 46.06
N ASP E 479 17.85 25.71 47.20
CA ASP E 479 18.98 25.25 48.00
C ASP E 479 19.81 24.29 47.20
N ALA E 480 19.15 23.43 46.44
CA ALA E 480 19.82 22.45 45.62
C ALA E 480 20.80 23.12 44.66
N ASP E 481 20.72 24.45 44.56
CA ASP E 481 21.61 25.23 43.70
C ASP E 481 22.59 26.03 44.56
N PHE E 482 22.65 25.65 45.84
CA PHE E 482 23.51 26.24 46.88
C PHE E 482 23.79 27.76 46.82
N PRO E 483 24.66 28.21 45.89
CA PRO E 483 24.87 29.66 45.87
C PRO E 483 24.17 30.27 44.66
N HIS E 484 23.79 29.40 43.72
CA HIS E 484 23.13 29.82 42.48
C HIS E 484 21.63 30.05 42.59
N PRO E 485 21.16 31.13 41.95
CA PRO E 485 19.73 31.39 42.04
C PRO E 485 19.07 30.69 40.85
N LEU E 486 17.83 30.27 41.03
CA LEU E 486 17.11 29.61 39.97
C LEU E 486 16.70 30.67 38.96
N ARG E 487 17.19 30.56 37.73
CA ARG E 487 16.81 31.52 36.70
C ARG E 487 15.54 31.01 36.02
N LEU E 488 14.40 31.28 36.64
CA LEU E 488 13.13 30.82 36.14
C LEU E 488 12.54 31.67 35.01
N ARG E 489 11.86 30.99 34.10
CA ARG E 489 11.18 31.66 33.00
C ARG E 489 9.74 31.23 33.17
N LEU E 490 9.54 30.09 33.82
CA LEU E 490 8.20 29.55 34.05
C LEU E 490 8.07 28.91 35.43
N MET E 491 6.92 29.06 36.08
CA MET E 491 6.67 28.44 37.38
C MET E 491 5.20 28.04 37.38
N GLY E 492 4.83 26.98 38.10
CA GLY E 492 3.44 26.55 38.12
C GLY E 492 3.12 25.56 39.23
N VAL E 493 1.84 25.39 39.52
CA VAL E 493 1.42 24.48 40.60
C VAL E 493 0.24 23.59 40.20
N ARG E 494 0.33 22.31 40.52
CA ARG E 494 -0.73 21.37 40.18
C ARG E 494 -1.15 20.49 41.36
N ILE E 495 -2.44 20.55 41.68
CA ILE E 495 -2.98 19.74 42.75
C ILE E 495 -3.70 18.57 42.07
N SER E 496 -3.49 17.36 42.60
CA SER E 496 -4.11 16.16 42.06
C SER E 496 -4.39 15.18 43.19
N SER E 497 -5.03 14.05 42.85
CA SER E 497 -5.38 13.03 43.84
C SER E 497 -6.61 13.47 44.61
N PHE E 498 -7.75 13.47 43.94
CA PHE E 498 -9.00 13.87 44.56
C PHE E 498 -9.72 12.63 45.04
N PRO E 499 -10.93 12.78 45.60
CA PRO E 499 -11.71 11.64 46.09
C PRO E 499 -12.15 10.67 44.99
N LEU F 3 -7.69 -0.93 -24.52
CA LEU F 3 -7.76 -2.33 -25.06
C LEU F 3 -6.65 -2.62 -26.06
N ASN F 4 -5.58 -1.81 -26.03
CA ASN F 4 -4.43 -1.99 -26.93
C ASN F 4 -3.16 -1.31 -26.40
N ASP F 5 -2.07 -2.08 -26.33
CA ASP F 5 -0.74 -1.64 -25.85
C ASP F 5 -0.40 -2.37 -24.55
N ASN F 6 0.78 -2.99 -24.50
CA ASN F 6 1.20 -3.74 -23.31
C ASN F 6 2.45 -3.18 -22.60
N LYS F 7 3.22 -4.07 -21.99
CA LYS F 7 4.43 -3.67 -21.26
C LYS F 7 5.42 -4.83 -21.08
N ALA F 8 6.68 -4.59 -21.45
CA ALA F 8 7.74 -5.60 -21.35
C ALA F 8 9.14 -4.97 -21.37
N GLY F 9 9.42 -4.13 -20.39
CA GLY F 9 10.72 -3.45 -20.29
C GLY F 9 10.83 -2.27 -21.28
N MET F 10 9.70 -1.61 -21.49
CA MET F 10 9.58 -0.43 -22.36
C MET F 10 8.80 0.62 -21.59
N GLU F 11 9.29 0.94 -20.41
CA GLU F 11 8.68 1.90 -19.50
C GLU F 11 8.48 3.28 -20.12
N GLY F 12 7.51 4.01 -19.58
CA GLY F 12 7.20 5.35 -20.04
C GLY F 12 7.32 5.63 -21.52
N LEU F 13 6.20 5.62 -22.22
CA LEU F 13 6.19 5.88 -23.66
C LEU F 13 4.91 6.63 -24.04
N ASP F 14 4.93 7.28 -25.20
CA ASP F 14 3.79 8.04 -25.69
C ASP F 14 2.63 7.13 -26.11
N LYS F 15 2.22 6.26 -25.20
CA LYS F 15 1.14 5.31 -25.44
C LYS F 15 -0.14 5.96 -25.96
N GLU F 16 -0.12 7.29 -26.08
CA GLU F 16 -1.26 8.03 -26.58
C GLU F 16 -1.32 7.90 -28.09
N LYS F 17 -0.18 8.10 -28.75
CA LYS F 17 -0.10 8.00 -30.21
C LYS F 17 0.18 6.58 -30.67
N ILE F 18 1.07 5.87 -29.98
CA ILE F 18 1.38 4.49 -30.35
C ILE F 18 0.05 3.75 -30.45
N ASN F 19 -0.70 3.76 -29.35
CA ASN F 19 -1.99 3.10 -29.27
C ASN F 19 -3.01 3.69 -30.24
N LYS F 20 -2.56 4.57 -31.13
CA LYS F 20 -3.44 5.18 -32.11
C LYS F 20 -3.24 4.53 -33.47
N ILE F 21 -1.98 4.25 -33.84
CA ILE F 21 -1.71 3.60 -35.12
C ILE F 21 -2.32 2.20 -35.06
N ILE F 22 -2.34 1.62 -33.86
CA ILE F 22 -2.89 0.29 -33.63
C ILE F 22 -4.40 0.27 -33.83
N MET F 23 -5.13 1.04 -33.01
CA MET F 23 -6.58 1.11 -33.08
C MET F 23 -7.05 1.50 -34.48
N GLU F 24 -6.19 2.18 -35.23
CA GLU F 24 -6.51 2.62 -36.58
C GLU F 24 -6.22 1.49 -37.57
N ALA F 25 -5.07 0.84 -37.41
CA ALA F 25 -4.67 -0.27 -38.28
C ALA F 25 -5.59 -1.46 -38.07
N THR F 26 -6.10 -1.58 -36.84
CA THR F 26 -6.99 -2.67 -36.47
C THR F 26 -8.46 -2.33 -36.66
N LYS F 27 -8.74 -1.03 -36.78
CA LYS F 27 -10.09 -0.51 -36.98
C LYS F 27 -11.17 -1.55 -37.28
N GLY F 28 -11.34 -1.91 -38.55
CA GLY F 28 -12.37 -2.87 -38.91
C GLY F 28 -11.95 -4.33 -38.98
N SER F 29 -10.66 -4.58 -38.77
CA SER F 29 -10.10 -5.94 -38.81
C SER F 29 -11.10 -6.98 -38.32
N ARG F 30 -11.26 -8.06 -39.09
CA ARG F 30 -12.17 -9.13 -38.72
C ARG F 30 -11.73 -9.63 -37.35
N PHE F 31 -10.42 -9.52 -37.12
CA PHE F 31 -9.78 -9.88 -35.87
C PHE F 31 -10.31 -9.04 -34.71
N TYR F 32 -10.50 -7.75 -34.99
CA TYR F 32 -11.01 -6.80 -34.01
C TYR F 32 -12.43 -7.20 -33.67
N GLY F 33 -13.25 -7.33 -34.71
CA GLY F 33 -14.63 -7.72 -34.51
C GLY F 33 -14.70 -8.85 -33.51
N ASN F 34 -13.80 -9.81 -33.65
CA ASN F 34 -13.77 -10.95 -32.73
C ASN F 34 -13.32 -10.48 -31.35
N GLU F 35 -12.26 -9.68 -31.33
CA GLU F 35 -11.75 -9.18 -30.07
C GLU F 35 -12.85 -8.46 -29.31
N LEU F 36 -13.69 -7.72 -30.03
CA LEU F 36 -14.79 -7.01 -29.37
C LEU F 36 -15.65 -8.05 -28.69
N LYS F 37 -16.00 -9.10 -29.44
CA LYS F 37 -16.80 -10.18 -28.90
C LYS F 37 -16.15 -10.68 -27.61
N LYS F 38 -14.85 -10.88 -27.64
CA LYS F 38 -14.11 -11.33 -26.48
C LYS F 38 -14.37 -10.39 -25.31
N GLU F 39 -14.07 -9.10 -25.50
CA GLU F 39 -14.27 -8.11 -24.44
C GLU F 39 -15.66 -8.21 -23.85
N LYS F 40 -16.66 -8.22 -24.73
CA LYS F 40 -18.05 -8.31 -24.32
C LYS F 40 -18.25 -9.49 -23.38
N GLN F 41 -17.77 -10.67 -23.78
CA GLN F 41 -17.92 -11.84 -22.94
C GLN F 41 -17.18 -11.69 -21.60
N VAL F 42 -16.07 -10.97 -21.58
CA VAL F 42 -15.34 -10.82 -20.32
C VAL F 42 -16.14 -9.92 -19.40
N ASN F 43 -16.56 -8.76 -19.93
CA ASN F 43 -17.35 -7.82 -19.15
C ASN F 43 -18.56 -8.53 -18.57
N GLN F 44 -19.11 -9.45 -19.34
CA GLN F 44 -20.26 -10.21 -18.87
C GLN F 44 -19.77 -10.99 -17.66
N ARG F 45 -18.63 -11.65 -17.82
CA ARG F 45 -18.05 -12.44 -16.74
C ARG F 45 -17.90 -11.59 -15.46
N ILE F 46 -17.30 -10.40 -15.61
CA ILE F 46 -17.12 -9.49 -14.49
C ILE F 46 -18.49 -9.15 -13.89
N GLU F 47 -19.39 -8.71 -14.78
CA GLU F 47 -20.76 -8.35 -14.45
C GLU F 47 -21.46 -9.41 -13.58
N ASN F 48 -21.24 -10.68 -13.90
CA ASN F 48 -21.86 -11.75 -13.12
C ASN F 48 -21.26 -11.78 -11.74
N MET F 49 -19.93 -11.82 -11.68
CA MET F 49 -19.21 -11.84 -10.40
C MET F 49 -19.65 -10.68 -9.53
N MET F 50 -19.81 -9.52 -10.15
CA MET F 50 -20.23 -8.33 -9.42
C MET F 50 -21.59 -8.62 -8.84
N GLN F 51 -22.47 -9.14 -9.67
CA GLN F 51 -23.82 -9.47 -9.24
C GLN F 51 -23.78 -10.40 -8.03
N GLN F 52 -22.93 -11.43 -8.10
CA GLN F 52 -22.78 -12.38 -7.01
C GLN F 52 -22.26 -11.65 -5.77
N LYS F 53 -21.23 -10.83 -5.95
CA LYS F 53 -20.69 -10.08 -4.84
C LYS F 53 -21.86 -9.44 -4.10
N ALA F 54 -22.63 -8.65 -4.84
CA ALA F 54 -23.79 -7.92 -4.34
C ALA F 54 -24.68 -8.68 -3.37
N GLN F 55 -24.93 -9.94 -3.68
CA GLN F 55 -25.80 -10.73 -2.83
C GLN F 55 -25.05 -11.48 -1.76
N ILE F 56 -23.88 -10.98 -1.39
CA ILE F 56 -23.11 -11.61 -0.33
C ILE F 56 -23.43 -10.79 0.92
N THR F 57 -23.43 -11.44 2.09
CA THR F 57 -23.74 -10.72 3.32
C THR F 57 -22.50 -10.33 4.10
N SER F 58 -22.68 -9.42 5.07
CA SER F 58 -21.57 -8.94 5.90
C SER F 58 -21.24 -9.99 6.95
N GLN F 59 -22.16 -10.92 7.13
CA GLN F 59 -21.96 -12.00 8.08
C GLN F 59 -21.26 -13.13 7.35
N GLN F 60 -21.61 -13.33 6.08
CA GLN F 60 -20.97 -14.38 5.28
C GLN F 60 -19.52 -14.01 5.09
N LEU F 61 -19.30 -12.71 4.97
CA LEU F 61 -17.99 -12.14 4.76
C LEU F 61 -17.09 -12.24 5.99
N ARG F 62 -17.63 -12.04 7.18
CA ARG F 62 -16.79 -12.15 8.37
C ARG F 62 -16.44 -13.61 8.57
N LYS F 63 -17.37 -14.49 8.20
CA LYS F 63 -17.17 -15.94 8.33
C LYS F 63 -15.98 -16.35 7.47
N ALA F 64 -15.90 -15.76 6.28
CA ALA F 64 -14.81 -16.02 5.34
C ALA F 64 -13.53 -15.36 5.82
N GLN F 65 -13.63 -14.12 6.30
CA GLN F 65 -12.46 -13.41 6.80
C GLN F 65 -11.73 -14.35 7.74
N LEU F 66 -12.49 -14.98 8.64
CA LEU F 66 -11.93 -15.91 9.61
C LEU F 66 -11.31 -17.14 8.97
N GLN F 67 -12.01 -17.74 8.02
CA GLN F 67 -11.51 -18.94 7.38
C GLN F 67 -10.21 -18.66 6.64
N VAL F 68 -10.17 -17.53 5.94
CA VAL F 68 -9.00 -17.11 5.18
C VAL F 68 -7.86 -16.69 6.08
N ASP F 69 -8.20 -16.07 7.21
CA ASP F 69 -7.21 -15.60 8.14
C ASP F 69 -6.57 -16.75 8.88
N ARG F 70 -7.32 -17.83 9.04
CA ARG F 70 -6.84 -19.02 9.71
C ARG F 70 -5.86 -19.76 8.82
N PHE F 71 -6.19 -19.78 7.53
CA PHE F 71 -5.38 -20.44 6.52
C PHE F 71 -4.10 -19.64 6.28
N ALA F 72 -4.23 -18.33 6.24
CA ALA F 72 -3.07 -17.49 5.99
C ALA F 72 -2.08 -17.62 7.14
N MET F 73 -2.61 -17.52 8.35
CA MET F 73 -1.83 -17.63 9.57
C MET F 73 -0.87 -18.80 9.47
N GLU F 74 -1.32 -19.88 8.85
CA GLU F 74 -0.50 -21.06 8.66
C GLU F 74 0.54 -20.84 7.58
N LEU F 75 0.08 -20.42 6.39
CA LEU F 75 0.98 -20.16 5.28
C LEU F 75 2.17 -19.38 5.78
N GLU F 76 1.88 -18.38 6.60
CA GLU F 76 2.88 -17.50 7.17
C GLU F 76 3.84 -18.24 8.09
N GLN F 77 3.30 -19.12 8.92
CA GLN F 77 4.11 -19.90 9.84
C GLN F 77 5.17 -20.68 9.06
N SER F 78 4.75 -21.29 7.96
CA SER F 78 5.67 -22.07 7.14
C SER F 78 6.25 -21.29 5.96
N ARG F 79 6.37 -19.98 6.13
CA ARG F 79 6.96 -19.17 5.08
C ARG F 79 8.40 -19.66 5.08
N ASN F 80 8.91 -20.02 3.91
CA ASN F 80 10.26 -20.56 3.79
C ASN F 80 11.27 -19.68 3.06
N LEU F 81 12.22 -19.11 3.79
CA LEU F 81 13.25 -18.27 3.17
C LEU F 81 14.65 -18.87 3.34
N SER F 82 14.74 -20.19 3.32
CA SER F 82 16.01 -20.89 3.48
C SER F 82 16.77 -21.02 2.16
N ASN F 83 16.03 -20.96 1.05
CA ASN F 83 16.61 -21.11 -0.27
C ASN F 83 16.94 -19.80 -0.95
N THR F 84 17.70 -19.91 -2.03
CA THR F 84 18.09 -18.76 -2.82
C THR F 84 17.80 -19.16 -4.25
N ILE F 85 16.68 -18.67 -4.77
CA ILE F 85 16.27 -18.98 -6.12
C ILE F 85 16.70 -17.89 -7.10
N VAL F 86 17.07 -18.28 -8.30
CA VAL F 86 17.51 -17.32 -9.30
C VAL F 86 16.79 -17.56 -10.60
N HIS F 87 16.18 -16.52 -11.14
CA HIS F 87 15.54 -16.72 -12.42
C HIS F 87 16.45 -15.98 -13.36
N ILE F 88 16.88 -16.66 -14.41
CA ILE F 88 17.75 -16.04 -15.37
C ILE F 88 16.95 -15.91 -16.64
N ASP F 89 16.91 -14.70 -17.18
CA ASP F 89 16.18 -14.44 -18.42
C ASP F 89 17.07 -13.73 -19.43
N MET F 90 17.24 -14.35 -20.59
CA MET F 90 18.06 -13.77 -21.65
C MET F 90 17.37 -12.51 -22.14
N ASP F 91 18.10 -11.42 -22.29
CA ASP F 91 17.51 -10.17 -22.77
C ASP F 91 17.28 -10.16 -24.28
N ALA F 92 16.02 -10.02 -24.69
CA ALA F 92 15.64 -9.98 -26.10
C ALA F 92 16.14 -11.18 -26.92
N PHE F 93 16.37 -12.29 -26.24
CA PHE F 93 16.85 -13.54 -26.85
C PHE F 93 16.86 -13.58 -28.40
N TYR F 94 15.79 -14.08 -29.03
CA TYR F 94 15.74 -14.16 -30.49
C TYR F 94 16.35 -12.96 -31.22
N ALA F 95 15.76 -11.78 -31.07
CA ALA F 95 16.26 -10.61 -31.76
C ALA F 95 17.69 -10.22 -31.34
N ALA F 96 18.14 -10.78 -30.22
CA ALA F 96 19.48 -10.50 -29.71
C ALA F 96 20.51 -11.33 -30.46
N VAL F 97 20.09 -12.50 -30.91
CA VAL F 97 20.97 -13.38 -31.66
C VAL F 97 21.15 -12.80 -33.05
N GLU F 98 20.05 -12.54 -33.74
CA GLU F 98 20.11 -11.96 -35.08
C GLU F 98 20.87 -10.62 -35.01
N MET F 99 21.33 -10.26 -33.81
CA MET F 99 22.07 -9.03 -33.58
C MET F 99 23.58 -9.24 -33.66
N ARG F 100 24.03 -10.47 -33.43
CA ARG F 100 25.46 -10.78 -33.50
C ARG F 100 25.69 -11.52 -34.81
N ASP F 101 24.68 -12.26 -35.25
CA ASP F 101 24.75 -13.03 -36.48
C ASP F 101 24.65 -12.15 -37.73
N ASN F 102 24.56 -10.84 -37.54
CA ASN F 102 24.47 -9.90 -38.66
C ASN F 102 24.67 -8.47 -38.17
N PRO F 103 25.79 -8.20 -37.48
CA PRO F 103 26.15 -6.89 -36.93
C PRO F 103 25.82 -5.67 -37.79
N GLU F 104 25.47 -5.92 -39.05
CA GLU F 104 25.11 -4.84 -39.95
C GLU F 104 23.83 -4.17 -39.46
N LEU F 105 23.25 -4.70 -38.38
CA LEU F 105 22.00 -4.15 -37.83
C LEU F 105 21.94 -4.09 -36.30
N LYS F 106 23.08 -3.94 -35.64
CA LYS F 106 23.13 -3.85 -34.19
C LYS F 106 23.00 -2.41 -33.71
N ASP F 107 22.25 -1.60 -34.47
CA ASP F 107 22.06 -0.20 -34.12
C ASP F 107 20.71 0.33 -34.55
N LYS F 108 19.99 -0.45 -35.35
CA LYS F 108 18.67 -0.05 -35.83
C LYS F 108 17.57 -0.94 -35.24
N PRO F 109 16.34 -0.41 -35.14
CA PRO F 109 15.20 -1.15 -34.58
C PRO F 109 14.95 -2.47 -35.34
N ILE F 110 14.86 -3.58 -34.62
CA ILE F 110 14.63 -4.86 -35.27
C ILE F 110 13.66 -5.74 -34.49
N ALA F 111 12.99 -6.63 -35.21
CA ALA F 111 12.04 -7.56 -34.59
C ALA F 111 12.03 -8.90 -35.31
N VAL F 112 12.10 -9.98 -34.53
CA VAL F 112 12.10 -11.33 -35.07
C VAL F 112 10.67 -11.86 -35.27
N GLY F 113 10.35 -12.22 -36.52
CA GLY F 113 9.04 -12.74 -36.85
C GLY F 113 8.68 -12.57 -38.32
N SER F 114 7.42 -12.23 -38.60
CA SER F 114 6.96 -12.03 -39.97
C SER F 114 6.06 -10.79 -40.06
N MET F 115 5.33 -10.70 -41.17
CA MET F 115 4.44 -9.58 -41.38
C MET F 115 3.11 -9.87 -40.70
N SER F 116 2.99 -11.09 -40.18
CA SER F 116 1.77 -11.50 -39.51
C SER F 116 1.89 -11.44 -38.00
N MET F 117 3.10 -11.59 -37.49
CA MET F 117 3.32 -11.58 -36.05
C MET F 117 4.80 -11.49 -35.73
N LEU F 118 5.13 -10.92 -34.57
CA LEU F 118 6.52 -10.79 -34.15
C LEU F 118 6.77 -11.54 -32.85
N SER F 119 7.83 -12.36 -32.81
CA SER F 119 8.15 -13.10 -31.60
C SER F 119 8.66 -12.12 -30.55
N THR F 120 9.40 -11.12 -31.01
CA THR F 120 9.94 -10.05 -30.16
C THR F 120 10.63 -8.97 -30.97
N SER F 121 11.28 -8.05 -30.28
CA SER F 121 11.98 -6.95 -30.90
C SER F 121 13.01 -6.43 -29.91
N ASN F 122 14.17 -6.03 -30.42
CA ASN F 122 15.25 -5.52 -29.59
C ASN F 122 14.75 -4.37 -28.72
N TYR F 123 15.55 -3.97 -27.74
CA TYR F 123 15.16 -2.89 -26.84
C TYR F 123 15.04 -1.52 -27.48
N HIS F 124 15.74 -1.31 -28.58
CA HIS F 124 15.71 -0.03 -29.28
C HIS F 124 14.40 0.13 -30.07
N ALA F 125 13.93 -0.97 -30.65
CA ALA F 125 12.69 -0.95 -31.42
C ALA F 125 11.48 -0.99 -30.50
N ARG F 126 11.74 -1.15 -29.20
CA ARG F 126 10.67 -1.20 -28.22
C ARG F 126 10.36 0.23 -27.79
N ARG F 127 11.32 1.12 -28.02
CA ARG F 127 11.18 2.53 -27.68
C ARG F 127 10.16 3.18 -28.63
N PHE F 128 9.65 2.36 -29.56
CA PHE F 128 8.65 2.80 -30.54
C PHE F 128 7.36 2.09 -30.16
N GLY F 129 7.46 1.22 -29.16
CA GLY F 129 6.31 0.46 -28.70
C GLY F 129 6.26 -0.91 -29.33
N VAL F 130 7.05 -1.09 -30.40
CA VAL F 130 7.10 -2.35 -31.12
C VAL F 130 7.47 -3.50 -30.18
N ARG F 131 6.46 -4.13 -29.61
CA ARG F 131 6.66 -5.23 -28.67
C ARG F 131 6.31 -6.53 -29.35
N ALA F 132 6.47 -7.62 -28.60
CA ALA F 132 6.17 -8.95 -29.09
C ALA F 132 4.65 -9.17 -29.19
N ALA F 133 4.24 -10.14 -29.99
CA ALA F 133 2.82 -10.47 -30.18
C ALA F 133 2.12 -9.38 -30.97
N MET F 134 2.91 -8.51 -31.58
CA MET F 134 2.38 -7.43 -32.38
C MET F 134 2.58 -7.79 -33.85
N PRO F 135 1.56 -7.54 -34.69
CA PRO F 135 1.63 -7.85 -36.12
C PRO F 135 2.79 -7.13 -36.78
N GLY F 136 3.34 -7.74 -37.83
CA GLY F 136 4.46 -7.15 -38.52
C GLY F 136 4.13 -5.81 -39.16
N PHE F 137 3.00 -5.74 -39.85
CA PHE F 137 2.62 -4.48 -40.50
C PHE F 137 2.38 -3.37 -39.50
N ILE F 138 1.79 -3.70 -38.36
CA ILE F 138 1.54 -2.69 -37.35
C ILE F 138 2.88 -2.11 -36.91
N ALA F 139 3.75 -2.96 -36.39
CA ALA F 139 5.06 -2.51 -35.92
C ALA F 139 5.78 -1.66 -36.97
N LYS F 140 5.69 -2.06 -38.24
CA LYS F 140 6.32 -1.31 -39.33
C LYS F 140 5.61 0.02 -39.48
N ARG F 141 4.29 -0.01 -39.36
CA ARG F 141 3.47 1.19 -39.48
C ARG F 141 3.61 2.03 -38.20
N LEU F 142 4.67 1.76 -37.46
CA LEU F 142 4.99 2.45 -36.21
C LEU F 142 6.48 2.68 -36.21
N CYS F 143 7.14 2.26 -37.27
CA CYS F 143 8.59 2.40 -37.38
C CYS F 143 9.10 1.93 -38.74
N PRO F 144 8.85 2.71 -39.80
CA PRO F 144 9.30 2.37 -41.16
C PRO F 144 10.74 1.87 -41.26
N GLN F 145 11.61 2.37 -40.39
CA GLN F 145 13.00 1.94 -40.41
C GLN F 145 13.15 0.66 -39.60
N LEU F 146 12.21 -0.26 -39.75
CA LEU F 146 12.23 -1.52 -39.01
C LEU F 146 12.57 -2.73 -39.87
N ILE F 147 13.57 -3.49 -39.42
CA ILE F 147 13.98 -4.69 -40.13
C ILE F 147 13.38 -5.88 -39.43
N ILE F 148 12.64 -6.69 -40.17
CA ILE F 148 12.02 -7.89 -39.61
C ILE F 148 12.76 -9.11 -40.15
N VAL F 149 13.36 -9.86 -39.24
CA VAL F 149 14.11 -11.05 -39.61
C VAL F 149 13.32 -12.32 -39.32
N PRO F 150 13.21 -13.22 -40.31
CA PRO F 150 12.46 -14.44 -40.00
C PRO F 150 13.19 -15.24 -38.91
N PRO F 151 12.45 -16.06 -38.15
CA PRO F 151 13.03 -16.87 -37.08
C PRO F 151 14.04 -17.93 -37.56
N ASN F 152 15.03 -18.20 -36.72
CA ASN F 152 16.05 -19.22 -36.99
C ASN F 152 16.10 -20.12 -35.76
N PHE F 153 15.05 -20.90 -35.55
CA PHE F 153 14.95 -21.77 -34.38
C PHE F 153 16.13 -22.67 -34.04
N ASP F 154 16.74 -23.26 -35.06
CA ASP F 154 17.87 -24.15 -34.82
C ASP F 154 19.01 -23.39 -34.13
N LYS F 155 19.17 -22.12 -34.48
CA LYS F 155 20.23 -21.31 -33.91
C LYS F 155 19.91 -20.78 -32.51
N TYR F 156 18.63 -20.64 -32.20
CA TYR F 156 18.22 -20.16 -30.88
C TYR F 156 18.40 -21.30 -29.92
N ARG F 157 18.02 -22.50 -30.36
CA ARG F 157 18.18 -23.67 -29.52
C ARG F 157 19.67 -23.84 -29.26
N ALA F 158 20.46 -23.32 -30.20
CA ALA F 158 21.91 -23.38 -30.09
C ALA F 158 22.35 -22.57 -28.88
N VAL F 159 22.08 -21.26 -28.93
CA VAL F 159 22.46 -20.37 -27.82
C VAL F 159 21.94 -20.85 -26.46
N SER F 160 20.77 -21.48 -26.47
CA SER F 160 20.15 -21.99 -25.26
C SER F 160 21.01 -23.08 -24.61
N LYS F 161 21.41 -24.07 -25.41
CA LYS F 161 22.24 -25.16 -24.90
C LYS F 161 23.53 -24.55 -24.36
N GLU F 162 24.13 -23.66 -25.14
CA GLU F 162 25.38 -23.02 -24.76
C GLU F 162 25.31 -22.46 -23.33
N VAL F 163 24.23 -21.77 -23.01
CA VAL F 163 24.10 -21.19 -21.69
C VAL F 163 23.46 -22.14 -20.66
N LYS F 164 22.67 -23.08 -21.13
CA LYS F 164 22.08 -24.04 -20.20
C LYS F 164 23.26 -24.87 -19.70
N GLU F 165 24.41 -24.64 -20.32
CA GLU F 165 25.66 -25.32 -20.00
C GLU F 165 26.30 -24.69 -18.77
N ILE F 166 26.44 -23.37 -18.80
CA ILE F 166 27.02 -22.62 -17.69
C ILE F 166 26.16 -22.82 -16.45
N LEU F 167 24.85 -22.75 -16.64
CA LEU F 167 23.90 -22.89 -15.55
C LEU F 167 24.08 -24.13 -14.67
N ALA F 168 24.24 -25.28 -15.31
CA ALA F 168 24.40 -26.54 -14.61
C ALA F 168 25.55 -26.51 -13.61
N ASP F 169 26.53 -25.66 -13.86
CA ASP F 169 27.67 -25.55 -12.96
C ASP F 169 27.15 -25.22 -11.56
N TYR F 170 26.30 -24.20 -11.51
CA TYR F 170 25.72 -23.71 -10.26
C TYR F 170 24.54 -24.51 -9.70
N ASP F 171 23.94 -25.33 -10.55
CA ASP F 171 22.83 -26.18 -10.15
C ASP F 171 22.56 -27.20 -11.25
N PRO F 172 22.80 -28.49 -10.96
CA PRO F 172 22.58 -29.55 -11.94
C PRO F 172 21.09 -29.66 -12.23
N ASN F 173 20.27 -29.41 -11.21
CA ASN F 173 18.84 -29.50 -11.35
C ASN F 173 18.15 -28.22 -11.84
N PHE F 174 18.92 -27.36 -12.50
CA PHE F 174 18.40 -26.10 -13.01
C PHE F 174 17.17 -26.32 -13.88
N MET F 175 16.00 -26.11 -13.29
CA MET F 175 14.71 -26.25 -13.97
C MET F 175 14.55 -25.20 -15.08
N ALA F 176 14.78 -25.61 -16.32
CA ALA F 176 14.65 -24.71 -17.46
C ALA F 176 13.21 -24.68 -17.96
N MET F 177 12.66 -23.47 -18.05
CA MET F 177 11.28 -23.26 -18.50
C MET F 177 11.19 -23.13 -20.01
N SER F 178 11.58 -21.98 -20.54
CA SER F 178 11.55 -21.77 -21.97
C SER F 178 12.98 -21.88 -22.51
N LEU F 179 13.21 -21.40 -23.73
CA LEU F 179 14.54 -21.46 -24.31
C LEU F 179 15.46 -20.50 -23.63
N ASP F 180 14.99 -19.28 -23.36
CA ASP F 180 15.83 -18.25 -22.74
C ASP F 180 15.64 -18.03 -21.24
N GLU F 181 14.90 -18.92 -20.58
CA GLU F 181 14.67 -18.75 -19.16
C GLU F 181 14.92 -20.04 -18.39
N ALA F 182 15.29 -19.90 -17.12
CA ALA F 182 15.54 -21.04 -16.25
C ALA F 182 15.74 -20.60 -14.80
N TYR F 183 15.26 -21.41 -13.88
CA TYR F 183 15.39 -21.13 -12.46
C TYR F 183 16.58 -21.94 -11.92
N LEU F 184 17.18 -21.45 -10.85
CA LEU F 184 18.30 -22.15 -10.22
C LEU F 184 18.11 -22.02 -8.73
N ASN F 185 18.26 -23.12 -8.02
CA ASN F 185 18.13 -23.13 -6.58
C ASN F 185 19.55 -23.14 -6.04
N ILE F 186 20.32 -22.11 -6.39
CA ILE F 186 21.71 -22.00 -5.96
C ILE F 186 21.93 -21.94 -4.44
N THR F 187 21.06 -22.59 -3.69
CA THR F 187 21.20 -22.65 -2.24
C THR F 187 22.47 -23.44 -1.93
N LYS F 188 22.51 -24.68 -2.42
CA LYS F 188 23.64 -25.56 -2.21
C LYS F 188 24.95 -24.91 -2.65
N HIS F 189 25.05 -24.52 -3.92
CA HIS F 189 26.27 -23.90 -4.43
C HIS F 189 26.86 -22.84 -3.51
N LEU F 190 26.01 -22.14 -2.76
CA LEU F 190 26.49 -21.10 -1.86
C LEU F 190 27.04 -21.68 -0.56
N GLU F 191 26.29 -22.59 0.05
CA GLU F 191 26.73 -23.20 1.31
C GLU F 191 28.17 -23.70 1.13
N GLU F 192 28.60 -23.78 -0.12
CA GLU F 192 29.93 -24.24 -0.47
C GLU F 192 30.84 -23.07 -0.86
N ARG F 193 30.42 -22.33 -1.89
CA ARG F 193 31.16 -21.19 -2.41
C ARG F 193 31.75 -20.24 -1.36
N GLN F 194 31.49 -20.49 -0.08
CA GLN F 194 32.01 -19.63 0.98
C GLN F 194 33.46 -19.94 1.37
N ASN F 195 34.08 -20.90 0.67
CA ASN F 195 35.46 -21.28 0.94
C ASN F 195 36.36 -21.22 -0.28
N TRP F 196 35.74 -21.08 -1.46
CA TRP F 196 36.47 -20.99 -2.72
C TRP F 196 37.48 -19.84 -2.70
N PRO F 197 38.74 -20.11 -3.11
CA PRO F 197 39.84 -19.16 -3.16
C PRO F 197 39.78 -18.11 -4.26
N GLU F 198 40.49 -17.00 -4.03
CA GLU F 198 40.55 -15.87 -4.95
C GLU F 198 40.67 -16.21 -6.44
N ASP F 199 41.77 -16.83 -6.85
CA ASP F 199 41.99 -17.17 -8.25
C ASP F 199 41.05 -18.24 -8.82
N LYS F 200 40.21 -18.82 -7.98
CA LYS F 200 39.27 -19.84 -8.41
C LYS F 200 37.98 -19.20 -8.93
N ARG F 201 37.31 -18.46 -8.05
CA ARG F 201 36.07 -17.78 -8.42
C ARG F 201 36.43 -16.55 -9.25
N ARG F 202 37.55 -16.63 -9.95
CA ARG F 202 38.01 -15.52 -10.78
C ARG F 202 38.18 -16.04 -12.19
N TYR F 203 37.58 -15.35 -13.15
CA TYR F 203 37.65 -15.74 -14.55
C TYR F 203 38.54 -14.76 -15.31
N PHE F 204 38.76 -15.04 -16.59
CA PHE F 204 39.60 -14.20 -17.42
C PHE F 204 38.73 -13.43 -18.43
N ILE F 205 38.99 -12.15 -18.58
CA ILE F 205 38.24 -11.34 -19.52
C ILE F 205 38.68 -11.67 -20.94
N LYS F 206 37.76 -12.18 -21.75
CA LYS F 206 38.06 -12.54 -23.13
C LYS F 206 37.81 -11.35 -24.04
N ASN F 264 44.75 -8.91 -17.29
CA ASN F 264 44.22 -9.16 -15.95
C ASN F 264 42.74 -9.51 -16.00
N SER F 265 42.18 -9.82 -14.83
CA SER F 265 40.77 -10.18 -14.72
C SER F 265 40.29 -10.01 -13.27
N VAL F 266 38.97 -9.94 -13.07
CA VAL F 266 38.40 -9.76 -11.74
C VAL F 266 37.60 -10.98 -11.26
N VAL F 267 37.57 -11.18 -9.95
CA VAL F 267 36.88 -12.31 -9.34
C VAL F 267 35.45 -12.02 -8.88
N PHE F 268 34.87 -12.96 -8.14
CA PHE F 268 33.50 -12.83 -7.64
C PHE F 268 33.35 -13.36 -6.22
N GLY F 269 32.62 -12.59 -5.40
CA GLY F 269 32.42 -12.92 -4.00
C GLY F 269 31.67 -14.19 -3.61
N THR F 270 31.19 -14.22 -2.37
CA THR F 270 30.45 -15.35 -1.84
C THR F 270 28.96 -15.03 -1.68
N SER F 271 28.58 -13.79 -1.95
CA SER F 271 27.19 -13.38 -1.85
C SER F 271 26.41 -13.83 -3.07
N ALA F 272 25.14 -14.20 -2.88
CA ALA F 272 24.29 -14.62 -3.98
C ALA F 272 24.25 -13.47 -4.97
N GLN F 273 24.47 -12.26 -4.43
CA GLN F 273 24.48 -11.06 -5.24
C GLN F 273 25.66 -11.16 -6.22
N GLU F 274 26.76 -11.74 -5.74
CA GLU F 274 27.99 -11.92 -6.52
C GLU F 274 27.89 -13.00 -7.59
N VAL F 275 27.70 -14.24 -7.15
CA VAL F 275 27.61 -15.39 -8.06
C VAL F 275 26.72 -15.17 -9.30
N VAL F 276 25.55 -14.57 -9.12
CA VAL F 276 24.66 -14.32 -10.24
C VAL F 276 25.27 -13.32 -11.24
N LYS F 277 26.06 -12.38 -10.72
CA LYS F 277 26.72 -11.38 -11.55
C LYS F 277 27.74 -12.11 -12.43
N GLU F 278 28.24 -13.22 -11.91
CA GLU F 278 29.22 -14.06 -12.59
C GLU F 278 28.52 -14.90 -13.64
N ILE F 279 27.42 -15.55 -13.24
CA ILE F 279 26.63 -16.40 -14.13
C ILE F 279 26.27 -15.60 -15.38
N ARG F 280 25.97 -14.33 -15.20
CA ARG F 280 25.61 -13.46 -16.31
C ARG F 280 26.86 -13.11 -17.09
N PHE F 281 27.99 -13.04 -16.40
CA PHE F 281 29.25 -12.71 -17.04
C PHE F 281 29.72 -13.86 -17.92
N ARG F 282 29.57 -15.09 -17.43
CA ARG F 282 29.98 -16.26 -18.19
C ARG F 282 29.11 -16.42 -19.44
N ILE F 283 27.83 -16.07 -19.33
CA ILE F 283 26.92 -16.14 -20.46
C ILE F 283 27.37 -15.03 -21.39
N GLU F 284 27.74 -13.91 -20.78
CA GLU F 284 28.20 -12.75 -21.51
C GLU F 284 29.34 -13.12 -22.44
N GLN F 285 30.49 -13.41 -21.83
CA GLN F 285 31.72 -13.77 -22.54
C GLN F 285 31.76 -15.18 -23.13
N LYS F 286 30.64 -15.64 -23.68
CA LYS F 286 30.59 -16.97 -24.29
C LYS F 286 29.56 -17.02 -25.41
N THR F 287 28.73 -15.98 -25.49
CA THR F 287 27.70 -15.91 -26.51
C THR F 287 27.58 -14.49 -27.07
N THR F 288 28.02 -13.52 -26.28
CA THR F 288 27.95 -12.09 -26.66
C THR F 288 26.61 -11.54 -26.17
N LEU F 289 25.73 -12.45 -25.75
CA LEU F 289 24.39 -12.10 -25.29
C LEU F 289 24.25 -11.80 -23.80
N THR F 290 23.60 -10.68 -23.52
CA THR F 290 23.35 -10.21 -22.17
C THR F 290 22.09 -10.84 -21.62
N ALA F 291 22.05 -11.01 -20.30
CA ALA F 291 20.90 -11.59 -19.63
C ALA F 291 20.62 -10.81 -18.36
N SER F 292 19.57 -11.23 -17.67
CA SER F 292 19.22 -10.60 -16.41
C SER F 292 18.78 -11.71 -15.50
N ALA F 293 18.71 -11.39 -14.21
CA ALA F 293 18.30 -12.40 -13.27
C ALA F 293 17.74 -11.74 -12.04
N GLY F 294 17.11 -12.56 -11.21
CA GLY F 294 16.55 -12.07 -9.99
C GLY F 294 16.89 -13.06 -8.92
N ILE F 295 17.24 -12.55 -7.75
CA ILE F 295 17.58 -13.39 -6.65
C ILE F 295 16.47 -13.14 -5.67
N ALA F 296 15.70 -14.18 -5.34
CA ALA F 296 14.61 -14.01 -4.38
C ALA F 296 14.40 -15.25 -3.54
N PRO F 297 13.76 -15.08 -2.37
CA PRO F 297 13.49 -16.20 -1.46
C PRO F 297 12.83 -17.39 -2.17
N ASN F 298 12.01 -17.13 -3.18
CA ASN F 298 11.33 -18.19 -3.90
C ASN F 298 11.19 -17.93 -5.40
N THR F 299 10.61 -18.91 -6.06
CA THR F 299 10.42 -18.91 -7.50
C THR F 299 9.51 -17.81 -8.06
N MET F 300 8.48 -17.46 -7.30
CA MET F 300 7.50 -16.47 -7.71
C MET F 300 8.10 -15.07 -7.76
N LEU F 301 8.75 -14.68 -6.68
CA LEU F 301 9.37 -13.37 -6.60
C LEU F 301 10.52 -13.30 -7.58
N ALA F 302 11.41 -14.28 -7.48
CA ALA F 302 12.60 -14.33 -8.32
C ALA F 302 12.34 -13.93 -9.77
N LYS F 303 11.31 -14.49 -10.38
CA LYS F 303 11.01 -14.17 -11.75
C LYS F 303 10.61 -12.70 -11.91
N VAL F 304 9.83 -12.19 -10.96
CA VAL F 304 9.42 -10.79 -11.05
C VAL F 304 10.67 -9.92 -11.09
N CYS F 305 11.61 -10.20 -10.18
CA CYS F 305 12.87 -9.47 -10.06
C CYS F 305 13.71 -9.56 -11.33
N SER F 306 13.73 -10.74 -11.93
CA SER F 306 14.52 -10.93 -13.15
C SER F 306 14.14 -9.84 -14.13
N ASP F 307 12.88 -9.42 -14.08
CA ASP F 307 12.40 -8.38 -14.99
C ASP F 307 12.51 -6.97 -14.45
N LYS F 308 12.82 -6.81 -13.17
CA LYS F 308 12.92 -5.46 -12.64
C LYS F 308 14.05 -4.68 -13.32
N ASN F 309 15.13 -5.38 -13.69
CA ASN F 309 16.26 -4.72 -14.34
C ASN F 309 16.51 -5.23 -15.77
N LYS F 310 15.50 -5.90 -16.33
CA LYS F 310 15.54 -6.48 -17.67
C LYS F 310 16.57 -5.94 -18.65
N PRO F 311 16.72 -4.61 -18.77
CA PRO F 311 17.72 -4.08 -19.71
C PRO F 311 19.16 -4.43 -19.35
N ASN F 312 19.40 -5.70 -19.03
CA ASN F 312 20.72 -6.19 -18.62
C ASN F 312 20.99 -5.77 -17.18
N GLY F 313 20.59 -6.61 -16.23
CA GLY F 313 20.80 -6.28 -14.84
C GLY F 313 20.22 -7.31 -13.91
N GLN F 314 20.27 -7.03 -12.62
CA GLN F 314 19.71 -7.97 -11.67
C GLN F 314 19.16 -7.26 -10.47
N TYR F 315 18.53 -8.03 -9.60
CA TYR F 315 17.94 -7.50 -8.40
C TYR F 315 17.79 -8.67 -7.45
N GLN F 316 17.85 -8.40 -6.16
CA GLN F 316 17.72 -9.46 -5.17
C GLN F 316 16.74 -9.01 -4.09
N ILE F 317 16.18 -9.96 -3.37
CA ILE F 317 15.27 -9.63 -2.29
C ILE F 317 15.76 -10.39 -1.07
N LEU F 318 16.74 -9.82 -0.39
CA LEU F 318 17.34 -10.44 0.79
C LEU F 318 16.35 -11.36 1.51
N PRO F 319 16.83 -12.54 1.94
CA PRO F 319 16.08 -13.59 2.63
C PRO F 319 15.28 -13.29 3.91
N ASN F 320 14.54 -12.19 3.96
CA ASN F 320 13.75 -11.92 5.16
C ASN F 320 12.37 -11.34 4.83
N ARG F 321 11.38 -11.76 5.62
CA ARG F 321 10.00 -11.33 5.44
C ARG F 321 9.78 -9.86 5.19
N GLN F 322 10.32 -9.01 6.06
CA GLN F 322 10.10 -7.59 5.86
C GLN F 322 10.62 -7.10 4.51
N ALA F 323 11.67 -7.73 3.99
CA ALA F 323 12.19 -7.29 2.70
C ALA F 323 11.21 -7.73 1.63
N VAL F 324 10.74 -8.97 1.76
CA VAL F 324 9.77 -9.54 0.83
C VAL F 324 8.55 -8.62 0.75
N MET F 325 7.94 -8.39 1.90
CA MET F 325 6.77 -7.53 2.03
C MET F 325 7.05 -6.15 1.48
N ASP F 326 8.18 -5.57 1.84
CA ASP F 326 8.48 -4.24 1.33
C ASP F 326 8.65 -4.23 -0.18
N PHE F 327 8.62 -5.41 -0.79
CA PHE F 327 8.76 -5.53 -2.24
C PHE F 327 7.41 -5.84 -2.86
N ILE F 328 6.65 -6.69 -2.17
CA ILE F 328 5.34 -7.08 -2.63
C ILE F 328 4.36 -5.92 -2.53
N LYS F 329 4.46 -5.13 -1.47
CA LYS F 329 3.60 -3.98 -1.28
C LYS F 329 3.73 -3.11 -2.52
N ASP F 330 2.64 -2.48 -2.94
CA ASP F 330 2.69 -1.60 -4.11
C ASP F 330 3.12 -2.29 -5.41
N LEU F 331 3.27 -3.61 -5.39
CA LEU F 331 3.65 -4.31 -6.61
C LEU F 331 2.42 -4.63 -7.45
N PRO F 332 2.40 -4.13 -8.69
CA PRO F 332 1.31 -4.33 -9.65
C PRO F 332 1.00 -5.82 -9.83
N ILE F 333 -0.28 -6.17 -9.77
CA ILE F 333 -0.70 -7.55 -9.90
C ILE F 333 -0.37 -8.19 -11.26
N ARG F 334 -0.43 -7.41 -12.33
CA ARG F 334 -0.14 -7.96 -13.64
C ARG F 334 1.29 -8.52 -13.66
N LYS F 335 2.19 -7.82 -12.99
CA LYS F 335 3.60 -8.20 -12.91
C LYS F 335 3.86 -9.64 -12.53
N VAL F 336 2.95 -10.28 -11.80
CA VAL F 336 3.13 -11.66 -11.41
C VAL F 336 2.78 -12.63 -12.56
N SER F 337 3.56 -13.69 -12.68
CA SER F 337 3.37 -14.68 -13.72
C SER F 337 2.15 -15.51 -13.33
N GLY F 338 1.11 -15.42 -14.17
CA GLY F 338 -0.10 -16.16 -13.91
C GLY F 338 -1.28 -15.22 -14.02
N ILE F 339 -0.97 -13.93 -13.88
CA ILE F 339 -1.97 -12.88 -13.96
C ILE F 339 -1.89 -12.24 -15.36
N GLY F 340 -2.95 -12.36 -16.13
CA GLY F 340 -2.97 -11.79 -17.46
C GLY F 340 -4.01 -10.69 -17.62
N LYS F 341 -4.15 -10.20 -18.85
CA LYS F 341 -5.10 -9.12 -19.15
C LYS F 341 -6.50 -9.40 -18.62
N VAL F 342 -6.89 -10.66 -18.57
CA VAL F 342 -8.22 -10.98 -18.11
C VAL F 342 -8.37 -10.96 -16.60
N THR F 343 -7.66 -11.82 -15.89
CA THR F 343 -7.77 -11.82 -14.44
C THR F 343 -7.34 -10.48 -13.84
N GLU F 344 -6.54 -9.71 -14.58
CA GLU F 344 -6.12 -8.40 -14.11
C GLU F 344 -7.33 -7.46 -14.11
N LYS F 345 -8.11 -7.54 -15.18
CA LYS F 345 -9.31 -6.71 -15.38
C LYS F 345 -10.44 -7.02 -14.42
N MET F 346 -10.56 -8.28 -14.01
CA MET F 346 -11.61 -8.66 -13.08
C MET F 346 -11.26 -8.21 -11.67
N LEU F 347 -9.99 -8.30 -11.31
CA LEU F 347 -9.56 -7.89 -9.98
C LEU F 347 -9.61 -6.38 -9.89
N LYS F 348 -9.39 -5.73 -11.02
CA LYS F 348 -9.41 -4.28 -11.07
C LYS F 348 -10.82 -3.91 -10.75
N ALA F 349 -11.78 -4.66 -11.30
CA ALA F 349 -13.18 -4.38 -11.06
C ALA F 349 -13.49 -4.35 -9.56
N LEU F 350 -12.79 -5.18 -8.79
CA LEU F 350 -12.98 -5.22 -7.34
C LEU F 350 -12.09 -4.17 -6.69
N GLY F 351 -11.52 -3.30 -7.53
CA GLY F 351 -10.63 -2.27 -7.01
C GLY F 351 -9.31 -2.85 -6.53
N ILE F 352 -8.63 -3.58 -7.40
CA ILE F 352 -7.36 -4.18 -7.02
C ILE F 352 -6.33 -4.06 -8.11
N ILE F 353 -5.18 -3.52 -7.76
CA ILE F 353 -4.09 -3.33 -8.70
C ILE F 353 -2.80 -3.89 -8.14
N THR F 354 -2.49 -3.54 -6.90
CA THR F 354 -1.26 -4.01 -6.25
C THR F 354 -1.49 -5.22 -5.37
N CYS F 355 -0.42 -5.81 -4.86
CA CYS F 355 -0.54 -6.99 -4.00
C CYS F 355 -1.14 -6.70 -2.65
N THR F 356 -0.91 -5.49 -2.15
CA THR F 356 -1.44 -5.13 -0.84
C THR F 356 -2.95 -5.12 -0.88
N GLU F 357 -3.49 -4.72 -2.02
CA GLU F 357 -4.92 -4.70 -2.17
C GLU F 357 -5.39 -6.15 -2.27
N LEU F 358 -4.70 -6.95 -3.07
CA LEU F 358 -5.07 -8.35 -3.19
C LEU F 358 -5.11 -8.99 -1.81
N TYR F 359 -4.30 -8.47 -0.89
CA TYR F 359 -4.28 -9.01 0.47
C TYR F 359 -5.50 -8.56 1.25
N GLN F 360 -5.84 -7.29 1.13
CA GLN F 360 -6.99 -6.71 1.81
C GLN F 360 -8.25 -7.48 1.46
N GLN F 361 -8.38 -7.79 0.17
CA GLN F 361 -9.54 -8.46 -0.36
C GLN F 361 -9.55 -9.99 -0.20
N ARG F 362 -8.60 -10.55 0.53
CA ARG F 362 -8.57 -11.99 0.67
C ARG F 362 -9.92 -12.67 0.97
N ALA F 363 -10.68 -12.13 1.91
CA ALA F 363 -11.97 -12.75 2.21
C ALA F 363 -12.91 -12.75 1.00
N LEU F 364 -13.29 -11.56 0.54
CA LEU F 364 -14.20 -11.44 -0.59
C LEU F 364 -13.69 -12.18 -1.81
N LEU F 365 -12.43 -12.56 -1.81
CA LEU F 365 -11.87 -13.30 -2.94
C LEU F 365 -12.18 -14.78 -2.78
N SER F 366 -12.16 -15.24 -1.53
CA SER F 366 -12.42 -16.63 -1.23
C SER F 366 -13.86 -17.03 -1.53
N LEU F 367 -14.72 -16.05 -1.74
CA LEU F 367 -16.11 -16.36 -2.03
C LEU F 367 -16.43 -16.20 -3.50
N LEU F 368 -15.64 -15.39 -4.20
CA LEU F 368 -15.88 -15.14 -5.61
C LEU F 368 -15.08 -16.02 -6.56
N PHE F 369 -14.01 -16.64 -6.10
CA PHE F 369 -13.18 -17.47 -6.97
C PHE F 369 -13.03 -18.89 -6.47
N SER F 370 -12.51 -19.75 -7.35
CA SER F 370 -12.28 -21.15 -6.99
C SER F 370 -11.21 -21.18 -5.94
N GLU F 371 -11.18 -22.31 -5.11
CA GLU F 371 -10.18 -22.48 -4.06
C GLU F 371 -8.83 -22.40 -4.75
N THR F 372 -8.73 -23.09 -5.87
CA THR F 372 -7.51 -23.13 -6.64
C THR F 372 -7.09 -21.69 -6.85
N SER F 373 -8.01 -20.89 -7.35
CA SER F 373 -7.74 -19.49 -7.63
C SER F 373 -7.49 -18.54 -6.45
N TRP F 374 -8.19 -18.72 -5.32
CA TRP F 374 -7.93 -17.79 -4.22
C TRP F 374 -6.81 -18.28 -3.31
N HIS F 375 -6.56 -19.58 -3.32
CA HIS F 375 -5.47 -20.16 -2.55
C HIS F 375 -4.24 -19.63 -3.26
N TYR F 376 -4.43 -19.37 -4.55
CA TYR F 376 -3.39 -18.86 -5.41
C TYR F 376 -3.16 -17.40 -5.08
N PHE F 377 -4.16 -16.57 -5.32
CA PHE F 377 -4.08 -15.14 -5.03
C PHE F 377 -3.44 -14.92 -3.66
N LEU F 378 -3.98 -15.61 -2.66
CA LEU F 378 -3.47 -15.46 -1.30
C LEU F 378 -1.96 -15.56 -1.15
N HIS F 379 -1.34 -16.40 -1.98
CA HIS F 379 0.10 -16.61 -1.93
C HIS F 379 0.84 -15.42 -2.50
N ILE F 380 0.40 -14.94 -3.66
CA ILE F 380 1.04 -13.80 -4.28
C ILE F 380 1.03 -12.63 -3.30
N SER F 381 -0.11 -12.41 -2.66
CA SER F 381 -0.23 -11.30 -1.73
C SER F 381 0.71 -11.45 -0.55
N LEU F 382 1.03 -12.68 -0.18
CA LEU F 382 1.93 -12.89 0.95
C LEU F 382 3.38 -12.99 0.51
N GLY F 383 3.61 -13.05 -0.79
CA GLY F 383 4.97 -13.17 -1.29
C GLY F 383 5.47 -14.59 -1.13
N LEU F 384 4.55 -15.54 -1.26
CA LEU F 384 4.91 -16.93 -1.15
C LEU F 384 5.07 -17.46 -2.57
N GLY F 385 5.80 -18.56 -2.72
CA GLY F 385 6.02 -19.14 -4.03
C GLY F 385 6.80 -20.43 -3.89
N SER F 386 7.19 -21.05 -5.00
CA SER F 386 7.93 -22.31 -4.94
C SER F 386 9.38 -22.09 -4.50
N THR F 387 9.88 -23.04 -3.72
CA THR F 387 11.24 -22.99 -3.21
C THR F 387 11.95 -24.33 -3.41
N HIS F 388 11.26 -25.27 -4.04
CA HIS F 388 11.82 -26.58 -4.30
C HIS F 388 11.55 -26.97 -5.75
N LEU F 389 12.41 -26.50 -6.65
CA LEU F 389 12.29 -26.79 -8.08
C LEU F 389 12.04 -28.27 -8.37
N THR F 390 11.69 -28.58 -9.61
CA THR F 390 11.46 -29.96 -9.98
C THR F 390 11.99 -30.19 -11.39
N ARG F 391 13.15 -30.84 -11.49
CA ARG F 391 13.78 -31.11 -12.78
C ARG F 391 12.75 -31.32 -13.89
N ASP F 392 12.99 -30.70 -15.04
CA ASP F 392 12.10 -30.77 -16.21
C ASP F 392 11.24 -32.03 -16.26
N GLY F 393 9.96 -31.87 -15.91
CA GLY F 393 9.04 -33.00 -15.91
C GLY F 393 8.87 -33.68 -17.27
N GLU F 394 7.67 -34.19 -17.52
CA GLU F 394 7.39 -34.87 -18.77
C GLU F 394 6.57 -34.01 -19.72
N ARG F 395 6.63 -34.36 -21.01
CA ARG F 395 5.89 -33.66 -22.05
C ARG F 395 4.44 -34.16 -22.03
N LYS F 396 3.49 -33.25 -21.80
CA LYS F 396 2.09 -33.64 -21.77
C LYS F 396 1.45 -33.66 -23.16
N SER F 397 2.11 -33.04 -24.13
CA SER F 397 1.59 -33.04 -25.51
C SER F 397 2.55 -32.49 -26.57
N MET F 398 2.13 -32.57 -27.82
CA MET F 398 2.90 -32.07 -28.96
C MET F 398 1.90 -31.76 -30.05
N SER F 399 2.16 -30.74 -30.85
CA SER F 399 1.21 -30.39 -31.90
C SER F 399 1.79 -29.54 -33.01
N VAL F 400 0.96 -29.27 -34.01
CA VAL F 400 1.33 -28.44 -35.14
C VAL F 400 0.05 -27.80 -35.66
N GLU F 401 0.11 -26.50 -35.91
CA GLU F 401 -1.04 -25.78 -36.41
C GLU F 401 -0.48 -24.75 -37.36
N ARG F 402 -1.20 -24.51 -38.46
CA ARG F 402 -0.75 -23.51 -39.43
C ARG F 402 -1.88 -22.55 -39.79
N THR F 403 -1.55 -21.26 -39.77
CA THR F 403 -2.49 -20.21 -40.12
C THR F 403 -2.18 -19.89 -41.56
N PHE F 404 -3.21 -19.78 -42.36
CA PHE F 404 -3.03 -19.57 -43.79
C PHE F 404 -4.18 -18.78 -44.38
N SER F 405 -4.01 -18.32 -45.62
CA SER F 405 -5.07 -17.60 -46.31
C SER F 405 -6.28 -18.54 -46.32
N GLU F 406 -7.48 -17.98 -46.42
CA GLU F 406 -8.67 -18.82 -46.37
C GLU F 406 -8.60 -20.06 -47.25
N ILE F 407 -9.32 -21.08 -46.82
CA ILE F 407 -9.42 -22.37 -47.48
C ILE F 407 -10.79 -22.89 -47.06
N ASN F 408 -11.71 -23.08 -48.01
CA ASN F 408 -13.03 -23.57 -47.65
C ASN F 408 -13.48 -24.78 -48.42
N LYS F 409 -12.63 -25.27 -49.33
CA LYS F 409 -12.98 -26.46 -50.12
C LYS F 409 -12.69 -27.70 -49.28
N ALA F 410 -13.70 -28.54 -49.08
CA ALA F 410 -13.55 -29.75 -48.27
C ALA F 410 -12.33 -30.60 -48.62
N GLU F 411 -12.09 -30.84 -49.91
CA GLU F 411 -10.93 -31.63 -50.32
C GLU F 411 -9.72 -31.09 -49.60
N GLU F 412 -9.34 -29.85 -49.90
CA GLU F 412 -8.18 -29.19 -49.29
C GLU F 412 -8.10 -29.30 -47.79
N GLN F 413 -9.23 -29.10 -47.11
CA GLN F 413 -9.24 -29.18 -45.67
C GLN F 413 -8.78 -30.58 -45.26
N TYR F 414 -9.22 -31.60 -46.00
CA TYR F 414 -8.84 -32.98 -45.70
C TYR F 414 -7.37 -33.26 -46.01
N SER F 415 -6.89 -32.62 -47.07
CA SER F 415 -5.50 -32.79 -47.48
C SER F 415 -4.61 -32.10 -46.46
N LEU F 416 -4.94 -30.86 -46.15
CA LEU F 416 -4.19 -30.05 -45.19
C LEU F 416 -4.01 -30.81 -43.89
N CYS F 417 -5.06 -31.49 -43.45
CA CYS F 417 -5.06 -32.28 -42.23
C CYS F 417 -3.99 -33.36 -42.34
N GLN F 418 -3.99 -34.09 -43.46
CA GLN F 418 -3.01 -35.15 -43.69
C GLN F 418 -1.63 -34.57 -43.53
N GLU F 419 -1.36 -33.48 -44.25
CA GLU F 419 -0.07 -32.81 -44.20
C GLU F 419 0.44 -32.54 -42.78
N LEU F 420 -0.46 -32.11 -41.88
CA LEU F 420 -0.10 -31.83 -40.50
C LEU F 420 0.20 -33.13 -39.77
N CYS F 421 -0.73 -34.08 -39.84
CA CYS F 421 -0.53 -35.37 -39.20
C CYS F 421 0.84 -35.92 -39.53
N SER F 422 1.26 -35.80 -40.79
CA SER F 422 2.57 -36.28 -41.22
C SER F 422 3.62 -35.48 -40.46
N GLU F 423 3.60 -34.16 -40.69
CA GLU F 423 4.50 -33.23 -40.05
C GLU F 423 4.58 -33.49 -38.54
N LEU F 424 3.43 -33.77 -37.91
CA LEU F 424 3.39 -34.04 -36.47
C LEU F 424 3.97 -35.40 -36.15
N ALA F 425 3.65 -36.41 -36.95
CA ALA F 425 4.18 -37.75 -36.68
C ALA F 425 5.70 -37.76 -36.72
N GLN F 426 6.27 -36.95 -37.59
CA GLN F 426 7.71 -36.89 -37.69
C GLN F 426 8.35 -36.22 -36.49
N ASP F 427 7.79 -35.12 -36.03
CA ASP F 427 8.37 -34.44 -34.87
C ASP F 427 8.18 -35.34 -33.64
N LEU F 428 7.17 -36.20 -33.72
CA LEU F 428 6.85 -37.11 -32.64
C LEU F 428 7.86 -38.26 -32.62
N GLN F 429 8.57 -38.41 -33.72
CA GLN F 429 9.58 -39.45 -33.87
C GLN F 429 10.86 -38.98 -33.16
N LYS F 430 11.24 -37.74 -33.45
CA LYS F 430 12.44 -37.14 -32.88
C LYS F 430 12.56 -37.42 -31.40
N GLU F 431 11.43 -37.70 -30.74
CA GLU F 431 11.41 -37.99 -29.30
C GLU F 431 10.89 -39.38 -29.02
N ARG F 432 10.71 -40.18 -30.08
CA ARG F 432 10.20 -41.54 -29.95
C ARG F 432 9.02 -41.68 -28.99
N LEU F 433 8.02 -40.81 -29.15
CA LEU F 433 6.84 -40.82 -28.29
C LEU F 433 5.60 -41.34 -28.99
N LYS F 434 4.63 -41.78 -28.21
CA LYS F 434 3.38 -42.29 -28.74
C LYS F 434 2.25 -41.91 -27.77
N GLY F 435 1.17 -41.36 -28.31
CA GLY F 435 0.06 -40.96 -27.45
C GLY F 435 -1.24 -41.61 -27.85
N ARG F 436 -2.22 -41.53 -26.95
CA ARG F 436 -3.52 -42.13 -27.19
C ARG F 436 -4.64 -41.12 -27.36
N THR F 437 -4.28 -39.86 -27.58
CA THR F 437 -5.28 -38.81 -27.77
C THR F 437 -4.90 -37.87 -28.90
N VAL F 438 -5.82 -37.71 -29.85
CA VAL F 438 -5.58 -36.82 -30.98
C VAL F 438 -6.65 -35.74 -30.96
N THR F 439 -6.20 -34.48 -31.06
CA THR F 439 -7.10 -33.35 -31.02
C THR F 439 -6.94 -32.48 -32.26
N ILE F 440 -8.03 -32.24 -32.97
CA ILE F 440 -7.97 -31.39 -34.17
C ILE F 440 -8.37 -29.96 -33.76
N LYS F 441 -7.90 -28.97 -34.50
CA LYS F 441 -8.21 -27.57 -34.18
C LYS F 441 -8.47 -26.71 -35.42
N LEU F 442 -9.68 -26.13 -35.45
CA LEU F 442 -10.10 -25.29 -36.58
C LEU F 442 -10.43 -23.88 -36.13
N LYS F 443 -9.94 -22.90 -36.89
CA LYS F 443 -10.21 -21.50 -36.57
C LYS F 443 -10.84 -20.83 -37.77
N ASN F 444 -12.08 -20.36 -37.56
CA ASN F 444 -12.91 -19.69 -38.56
C ASN F 444 -12.35 -18.33 -38.93
N VAL F 445 -12.51 -17.91 -40.18
CA VAL F 445 -11.97 -16.63 -40.65
C VAL F 445 -12.32 -15.43 -39.77
N ASN F 446 -13.30 -15.61 -38.90
CA ASN F 446 -13.70 -14.55 -37.98
C ASN F 446 -13.05 -14.78 -36.63
N PHE F 447 -12.07 -15.68 -36.65
CA PHE F 447 -11.27 -16.03 -35.49
C PHE F 447 -11.87 -16.83 -34.33
N GLU F 448 -13.05 -17.42 -34.52
CA GLU F 448 -13.62 -18.24 -33.47
C GLU F 448 -12.86 -19.56 -33.53
N VAL F 449 -12.89 -20.36 -32.47
CA VAL F 449 -12.15 -21.61 -32.46
C VAL F 449 -12.84 -22.86 -31.90
N LYS F 450 -12.82 -23.91 -32.70
CA LYS F 450 -13.38 -25.19 -32.30
C LYS F 450 -12.19 -26.11 -32.06
N THR F 451 -12.27 -26.97 -31.06
CA THR F 451 -11.18 -27.87 -30.77
C THR F 451 -11.72 -29.25 -30.42
N ARG F 452 -11.97 -30.08 -31.44
CA ARG F 452 -12.49 -31.43 -31.24
C ARG F 452 -11.41 -32.48 -31.03
N ALA F 453 -11.72 -33.47 -30.20
CA ALA F 453 -10.77 -34.54 -29.90
C ALA F 453 -11.46 -35.88 -29.79
N SER F 454 -10.64 -36.89 -29.51
CA SER F 454 -11.09 -38.26 -29.33
C SER F 454 -9.87 -39.12 -29.07
N THR F 455 -9.76 -39.63 -27.85
CA THR F 455 -8.63 -40.47 -27.48
C THR F 455 -9.00 -41.93 -27.71
N VAL F 456 -8.01 -42.80 -27.71
CA VAL F 456 -8.22 -44.22 -27.92
C VAL F 456 -7.60 -45.07 -26.81
N SER F 457 -7.84 -46.37 -26.88
CA SER F 457 -7.32 -47.31 -25.89
C SER F 457 -5.95 -47.83 -26.29
N SER F 458 -5.80 -48.14 -27.57
CA SER F 458 -4.55 -48.66 -28.10
C SER F 458 -3.37 -47.74 -27.80
N VAL F 459 -3.05 -46.87 -28.76
CA VAL F 459 -1.95 -45.92 -28.68
C VAL F 459 -1.44 -45.69 -30.10
N VAL F 460 -1.45 -44.44 -30.53
CA VAL F 460 -1.05 -44.06 -31.88
C VAL F 460 0.33 -43.42 -31.89
N SER F 461 0.96 -43.44 -33.06
CA SER F 461 2.29 -42.87 -33.23
C SER F 461 2.57 -42.47 -34.68
N THR F 462 2.13 -43.31 -35.61
CA THR F 462 2.37 -43.07 -37.04
C THR F 462 1.42 -42.09 -37.72
N ALA F 463 1.91 -41.45 -38.78
CA ALA F 463 1.09 -40.49 -39.51
C ALA F 463 -0.24 -41.11 -39.94
N GLU F 464 -0.20 -42.35 -40.40
CA GLU F 464 -1.40 -43.03 -40.84
C GLU F 464 -2.38 -43.16 -39.68
N GLU F 465 -1.91 -43.67 -38.55
CA GLU F 465 -2.74 -43.86 -37.36
C GLU F 465 -3.32 -42.55 -36.84
N ILE F 466 -2.51 -41.50 -36.86
CA ILE F 466 -2.97 -40.20 -36.40
C ILE F 466 -4.01 -39.66 -37.35
N PHE F 467 -3.67 -39.60 -38.63
CA PHE F 467 -4.60 -39.10 -39.62
C PHE F 467 -5.82 -39.98 -39.63
N ALA F 468 -5.71 -41.15 -39.01
CA ALA F 468 -6.83 -42.06 -38.94
C ALA F 468 -7.87 -41.38 -38.08
N ILE F 469 -7.48 -41.04 -36.86
CA ILE F 469 -8.34 -40.40 -35.90
C ILE F 469 -8.70 -38.98 -36.31
N ALA F 470 -7.73 -38.26 -36.86
CA ALA F 470 -7.95 -36.89 -37.27
C ALA F 470 -8.84 -36.69 -38.50
N LYS F 471 -9.05 -37.72 -39.30
CA LYS F 471 -9.90 -37.59 -40.49
C LYS F 471 -11.35 -37.71 -40.06
N GLU F 472 -11.58 -38.55 -39.05
CA GLU F 472 -12.92 -38.79 -38.51
C GLU F 472 -13.43 -37.54 -37.81
N LEU F 473 -12.59 -36.95 -36.97
CA LEU F 473 -12.97 -35.75 -36.25
C LEU F 473 -13.25 -34.60 -37.20
N LEU F 474 -12.44 -34.47 -38.25
CA LEU F 474 -12.60 -33.40 -39.22
C LEU F 474 -13.83 -33.59 -40.09
N LYS F 475 -14.14 -34.83 -40.44
CA LYS F 475 -15.32 -35.08 -41.26
C LYS F 475 -16.56 -34.63 -40.49
N THR F 476 -16.61 -34.99 -39.21
CA THR F 476 -17.73 -34.66 -38.32
C THR F 476 -17.98 -33.15 -38.26
N GLU F 477 -16.91 -32.36 -38.41
CA GLU F 477 -17.01 -30.91 -38.36
C GLU F 477 -17.35 -30.28 -39.71
N ILE F 478 -17.41 -31.09 -40.76
CA ILE F 478 -17.76 -30.56 -42.08
C ILE F 478 -19.21 -30.95 -42.31
N ASP F 479 -19.59 -32.05 -41.65
CA ASP F 479 -20.93 -32.57 -41.72
C ASP F 479 -21.81 -31.74 -40.81
N ALA F 480 -21.26 -31.37 -39.66
CA ALA F 480 -22.00 -30.58 -38.69
C ALA F 480 -22.58 -29.35 -39.38
N ASP F 481 -21.95 -28.95 -40.48
CA ASP F 481 -22.36 -27.79 -41.26
C ASP F 481 -22.66 -28.26 -42.69
N PHE F 482 -23.57 -29.22 -42.78
CA PHE F 482 -23.99 -29.88 -44.03
C PHE F 482 -23.63 -29.20 -45.36
N PRO F 483 -24.37 -28.16 -45.77
CA PRO F 483 -24.01 -27.55 -47.05
C PRO F 483 -23.05 -26.37 -46.95
N HIS F 484 -22.79 -25.93 -45.71
CA HIS F 484 -21.91 -24.80 -45.50
C HIS F 484 -20.45 -25.19 -45.31
N PRO F 485 -19.60 -24.81 -46.26
CA PRO F 485 -18.17 -25.08 -46.25
C PRO F 485 -17.54 -24.41 -45.04
N LEU F 486 -16.52 -25.04 -44.47
CA LEU F 486 -15.85 -24.46 -43.32
C LEU F 486 -14.82 -23.48 -43.85
N ARG F 487 -15.07 -22.20 -43.65
CA ARG F 487 -14.14 -21.17 -44.11
C ARG F 487 -13.03 -21.09 -43.08
N LEU F 488 -11.94 -21.81 -43.31
CA LEU F 488 -10.84 -21.86 -42.37
C LEU F 488 -9.64 -20.96 -42.66
N ARG F 489 -8.97 -20.54 -41.59
CA ARG F 489 -7.79 -19.70 -41.69
C ARG F 489 -6.66 -20.36 -40.92
N LEU F 490 -7.02 -21.33 -40.07
CA LEU F 490 -6.04 -22.06 -39.27
C LEU F 490 -6.49 -23.47 -38.96
N MET F 491 -5.57 -24.41 -39.15
CA MET F 491 -5.84 -25.82 -38.87
C MET F 491 -4.70 -26.34 -38.03
N GLY F 492 -4.98 -27.33 -37.20
CA GLY F 492 -3.92 -27.86 -36.37
C GLY F 492 -4.25 -29.23 -35.81
N VAL F 493 -3.20 -29.96 -35.42
CA VAL F 493 -3.38 -31.28 -34.84
C VAL F 493 -2.42 -31.42 -33.69
N ARG F 494 -2.90 -32.02 -32.61
CA ARG F 494 -2.12 -32.24 -31.42
C ARG F 494 -2.33 -33.67 -30.97
N ILE F 495 -1.27 -34.31 -30.51
CA ILE F 495 -1.37 -35.66 -29.98
C ILE F 495 -0.96 -35.52 -28.51
N SER F 496 -1.67 -36.19 -27.62
CA SER F 496 -1.39 -36.08 -26.20
C SER F 496 -1.73 -37.36 -25.46
N SER F 497 -1.67 -37.29 -24.13
CA SER F 497 -1.96 -38.45 -23.28
C SER F 497 -0.89 -39.49 -23.50
N PHE F 498 0.29 -39.23 -22.94
CA PHE F 498 1.40 -40.16 -23.08
C PHE F 498 1.53 -40.96 -21.78
N PRO F 499 2.10 -42.16 -21.87
CA PRO F 499 2.29 -43.02 -20.70
C PRO F 499 3.43 -42.46 -19.84
MG MG G . -11.12 22.75 15.47
PA TTP H . -7.85 22.76 16.76
O1A TTP H . -8.93 22.11 16.32
O2A TTP H . -6.73 21.85 16.24
O3A TTP H . -7.69 24.31 16.12
PB TTP H . -8.81 24.97 15.10
O1B TTP H . -8.96 26.45 15.56
O2B TTP H . -10.18 24.26 15.26
O3B TTP H . -8.39 24.94 13.54
PG TTP H . -8.99 23.79 12.54
O1G TTP H . -7.80 23.19 11.73
O2G TTP H . -10.00 24.50 11.59
O3G TTP H . -9.69 22.65 13.34
O5' TTP H . -8.02 23.06 18.10
C5' TTP H . -9.23 23.99 18.59
C4' TTP H . -8.90 25.17 19.48
O4' TTP H . -8.04 24.89 20.59
C3' TTP H . -8.27 26.26 18.66
O3' TTP H . -9.25 27.27 18.55
C2' TTP H . -7.03 26.69 19.37
C1' TTP H . -7.01 25.85 20.63
N1 TTP H . -5.59 25.14 20.52
C2 TTP H . -4.62 25.60 21.46
O2 TTP H . -4.88 26.40 22.33
N3 TTP H . -3.35 25.18 21.45
C4 TTP H . -2.92 24.28 20.53
O4 TTP H . -1.66 23.96 20.62
C5 TTP H . -3.82 23.75 19.54
C5M TTP H . -3.54 23.11 18.87
C6 TTP H . -5.14 24.22 19.59
MG MG I . 13.65 -12.36 -22.13
PA TTP J . 11.00 -13.33 -23.30
O1A TTP J . 12.08 -13.45 -22.53
O2A TTP J . 9.91 -12.93 -22.25
O3A TTP J . 11.14 -12.11 -24.47
PB TTP J . 12.59 -11.32 -24.72
O1B TTP J . 12.87 -11.43 -26.27
O2B TTP J . 13.75 -12.04 -23.94
O3B TTP J . 12.59 -9.75 -24.24
PG TTP J . 12.88 -9.39 -22.66
O1G TTP J . 12.49 -7.88 -22.44
O2G TTP J . 14.41 -9.61 -22.40
O3G TTP J . 12.04 -10.31 -21.69
O5' TTP J . 10.92 -14.44 -24.16
C5' TTP J . 12.14 -14.73 -25.15
C4' TTP J . 11.87 -15.24 -26.55
O4' TTP J . 10.74 -16.07 -26.73
C3' TTP J . 11.76 -14.06 -27.50
O3' TTP J . 12.99 -14.03 -28.21
C2' TTP J . 10.56 -14.31 -28.34
C1' TTP J . 10.01 -15.64 -27.87
N1 TTP J . 8.53 -15.23 -27.48
C2 TTP J . 7.58 -15.44 -28.51
O2 TTP J . 7.85 -15.99 -29.57
N3 TTP J . 6.29 -15.05 -28.40
C4 TTP J . 5.85 -14.41 -27.27
O4 TTP J . 4.58 -14.06 -27.28
C5 TTP J . 6.74 -14.16 -26.17
C5M TTP J . 6.46 -13.71 -25.35
C6 TTP J . 8.07 -14.60 -26.35
#